data_5KOK
#
_entry.id   5KOK
#
_cell.length_a   53.776
_cell.length_b   71.637
_cell.length_c   95.226
_cell.angle_alpha   90.00
_cell.angle_beta   99.21
_cell.angle_gamma   90.00
#
_symmetry.space_group_name_H-M   'P 1 21 1'
#
loop_
_entity.id
_entity.type
_entity.pdbx_description
1 polymer 'Pavine N-methyltransferase'
2 non-polymer S-ADENOSYL-L-HOMOCYSTEINE
3 non-polymer (1~{S})-1-[(3,4-dimethoxyphenyl)methyl]-6,7-dimethoxy-1,2,3,4-tetrahydroisoquinoline
4 non-polymer (1~{R})-1-[(3,4-dimethoxyphenyl)methyl]-6,7-dimethoxy-1,2,3,4-tetrahydroisoquinoline
5 water water
#
_entity_poly.entity_id   1
_entity_poly.type   'polypeptide(L)'
_entity_poly.pdbx_seq_one_letter_code
;MRGSHHHHHHGMASMTGGQQMGRDLYDDDDKDRWIRPRDLQMETKQTKKEAVANLIKRIEHGEVSDEEIRGMMKIQVQKR
LKWGYKPTHEQQLAQLVTFAQSLKGMEMAEEVDTLDAELYEIPLPFLHIMCGKTLKFSPGYFKDESTTLDESEVYMMDLY
CERAQIKDGQSILDLGCGHGSLTLHVAQKYRGCKVTGITNSVSQKEFIMDQCKKLDLSNVEIILEDVTKFETEITYDRIF
AVALIEHMKNYELFLKKVSTWIAQDGLLFVEHHCHKVFAYQYEPLDEDDWYTEYIFPSGTLVMSSSSILLYFQEDVSVVN
HWTLSGKHPSLGFKQWLKRLDDNIDEVKEIFESFYGSKEKAMKFITYWRVFCIAHSQMYSTNNGEEWMLSQVLFKKK
;
_entity_poly.pdbx_strand_id   A,B
#
loop_
_chem_comp.id
_chem_comp.type
_chem_comp.name
_chem_comp.formula
R9T non-polymer (1~{R})-1-[(3,4-dimethoxyphenyl)methyl]-6,7-dimethoxy-1,2,3,4-tetrahydroisoquinoline 'C20 H25 N O4'
S9T non-polymer (1~{S})-1-[(3,4-dimethoxyphenyl)methyl]-6,7-dimethoxy-1,2,3,4-tetrahydroisoquinoline 'C20 H25 N O4'
#
# COMPACT_ATOMS: atom_id res chain seq x y z
N GLU A 50 20.60 -33.80 7.39
CA GLU A 50 20.80 -32.67 8.27
C GLU A 50 20.64 -33.08 9.73
N ALA A 51 21.36 -32.37 10.61
CA ALA A 51 21.26 -32.53 12.04
C ALA A 51 20.28 -31.55 12.67
N VAL A 52 19.46 -30.90 11.85
CA VAL A 52 18.33 -30.12 12.36
C VAL A 52 17.47 -30.99 13.27
N ALA A 53 17.30 -32.25 12.87
CA ALA A 53 16.49 -33.17 13.66
C ALA A 53 17.07 -33.35 15.07
N ASN A 54 18.39 -33.40 15.18
CA ASN A 54 18.97 -33.64 16.50
C ASN A 54 18.94 -32.38 17.35
N LEU A 55 19.16 -31.21 16.75
CA LEU A 55 18.98 -29.97 17.47
C LEU A 55 17.55 -29.87 18.00
N ILE A 56 16.57 -30.23 17.17
CA ILE A 56 15.18 -30.17 17.60
C ILE A 56 14.93 -31.13 18.75
N LYS A 57 15.57 -32.31 18.72
CA LYS A 57 15.40 -33.23 19.84
C LYS A 57 16.11 -32.71 21.09
N ARG A 58 17.20 -31.96 20.94
CA ARG A 58 17.80 -31.34 22.11
C ARG A 58 16.89 -30.25 22.68
N ILE A 59 16.23 -29.48 21.80
CA ILE A 59 15.25 -28.51 22.28
C ILE A 59 14.12 -29.23 23.02
N GLU A 60 13.53 -30.25 22.39
CA GLU A 60 12.37 -30.93 22.98
C GLU A 60 12.67 -31.55 24.34
N HIS A 61 13.93 -31.84 24.64
CA HIS A 61 14.30 -32.38 25.94
C HIS A 61 14.72 -31.31 26.93
N GLY A 62 14.61 -30.04 26.56
CA GLY A 62 14.99 -28.97 27.45
C GLY A 62 16.48 -28.80 27.64
N GLU A 63 17.28 -29.12 26.64
CA GLU A 63 18.73 -29.01 26.73
C GLU A 63 19.29 -27.69 26.21
N VAL A 64 18.47 -26.87 25.57
CA VAL A 64 18.93 -25.63 24.92
C VAL A 64 18.50 -24.45 25.78
N SER A 65 19.45 -23.59 26.14
CA SER A 65 19.17 -22.50 27.07
C SER A 65 18.33 -21.41 26.41
N ASP A 66 17.68 -20.61 27.26
CA ASP A 66 16.89 -19.49 26.77
C ASP A 66 17.72 -18.52 25.93
N GLU A 67 18.94 -18.20 26.38
CA GLU A 67 19.77 -17.29 25.60
C GLU A 67 20.17 -17.91 24.26
N GLU A 68 20.40 -19.22 24.23
CA GLU A 68 20.70 -19.85 22.95
C GLU A 68 19.51 -19.74 22.00
N ILE A 69 18.29 -19.96 22.50
CA ILE A 69 17.11 -19.81 21.66
C ILE A 69 17.01 -18.39 21.10
N ARG A 70 17.21 -17.40 21.98
CA ARG A 70 17.19 -15.99 21.57
C ARG A 70 18.24 -15.71 20.50
N GLY A 71 19.45 -16.23 20.69
CA GLY A 71 20.49 -16.05 19.69
C GLY A 71 20.15 -16.72 18.37
N MET A 72 19.64 -17.95 18.43
CA MET A 72 19.18 -18.64 17.22
C MET A 72 18.13 -17.83 16.48
N MET A 73 17.18 -17.24 17.21
CA MET A 73 16.16 -16.45 16.55
C MET A 73 16.75 -15.17 15.92
N LYS A 74 17.72 -14.55 16.59
CA LYS A 74 18.33 -13.35 15.99
C LYS A 74 18.98 -13.68 14.66
N ILE A 75 19.62 -14.85 14.56
CA ILE A 75 20.19 -15.29 13.28
C ILE A 75 19.09 -15.49 12.25
N GLN A 76 18.01 -16.16 12.65
CA GLN A 76 16.90 -16.39 11.75
C GLN A 76 16.29 -15.08 11.26
N VAL A 77 16.14 -14.11 12.17
CA VAL A 77 15.65 -12.78 11.81
C VAL A 77 16.55 -12.13 10.76
N GLN A 78 17.86 -12.15 10.98
CA GLN A 78 18.76 -11.50 10.04
C GLN A 78 18.72 -12.17 8.67
N LYS A 79 18.60 -13.50 8.65
CA LYS A 79 18.44 -14.21 7.38
C LYS A 79 17.15 -13.78 6.68
N ARG A 80 16.05 -13.68 7.43
CA ARG A 80 14.77 -13.37 6.80
C ARG A 80 14.74 -11.93 6.28
N LEU A 81 15.29 -10.99 7.05
CA LEU A 81 15.40 -9.60 6.58
C LEU A 81 16.27 -9.50 5.33
N LYS A 82 17.42 -10.16 5.33
CA LYS A 82 18.26 -10.15 4.13
C LYS A 82 17.56 -10.79 2.94
N TRP A 83 16.74 -11.81 3.19
CA TRP A 83 15.99 -12.46 2.11
C TRP A 83 14.91 -11.54 1.56
N GLY A 84 14.23 -10.80 2.43
CA GLY A 84 13.07 -10.04 2.01
C GLY A 84 13.37 -8.68 1.43
N TYR A 85 14.41 -8.00 1.93
CA TYR A 85 14.68 -6.64 1.47
C TYR A 85 15.37 -6.68 0.11
N LYS A 86 14.96 -5.76 -0.76
CA LYS A 86 15.52 -5.66 -2.11
C LYS A 86 16.19 -4.30 -2.30
N PRO A 87 17.17 -4.20 -3.20
CA PRO A 87 17.90 -2.92 -3.36
C PRO A 87 17.09 -1.80 -3.99
N THR A 88 16.00 -2.10 -4.69
CA THR A 88 15.20 -1.08 -5.35
C THR A 88 13.74 -1.25 -4.97
N HIS A 89 13.02 -0.12 -4.97
CA HIS A 89 11.59 -0.19 -4.72
C HIS A 89 10.86 -0.95 -5.83
N GLU A 90 11.30 -0.79 -7.09
CA GLU A 90 10.71 -1.57 -8.17
C GLU A 90 10.68 -3.05 -7.81
N GLN A 91 11.82 -3.58 -7.34
CA GLN A 91 11.89 -5.01 -7.01
C GLN A 91 11.09 -5.33 -5.74
N GLN A 92 11.17 -4.45 -4.74
CA GLN A 92 10.44 -4.66 -3.50
C GLN A 92 8.94 -4.77 -3.75
N LEU A 93 8.41 -3.81 -4.50
CA LEU A 93 6.99 -3.84 -4.84
C LEU A 93 6.64 -5.06 -5.68
N ALA A 94 7.47 -5.40 -6.67
CA ALA A 94 7.18 -6.55 -7.50
C ALA A 94 7.09 -7.82 -6.66
N GLN A 95 7.93 -7.92 -5.64
CA GLN A 95 7.90 -9.11 -4.80
C GLN A 95 6.59 -9.19 -4.02
N LEU A 96 6.09 -8.05 -3.54
CA LEU A 96 4.85 -8.05 -2.77
C LEU A 96 3.65 -8.31 -3.67
N VAL A 97 3.59 -7.61 -4.82
CA VAL A 97 2.46 -7.79 -5.71
C VAL A 97 2.42 -9.22 -6.24
N THR A 98 3.59 -9.76 -6.59
CA THR A 98 3.63 -11.14 -7.09
C THR A 98 3.16 -12.12 -6.00
N PHE A 99 3.58 -11.87 -4.77
CA PHE A 99 3.14 -12.70 -3.66
C PHE A 99 1.63 -12.60 -3.47
N ALA A 100 1.09 -11.38 -3.44
CA ALA A 100 -0.36 -11.18 -3.33
C ALA A 100 -1.10 -11.91 -4.44
N GLN A 101 -0.64 -11.77 -5.68
CA GLN A 101 -1.30 -12.46 -6.78
C GLN A 101 -1.26 -13.98 -6.58
N SER A 102 -0.19 -14.50 -5.99
CA SER A 102 -0.08 -15.93 -5.78
C SER A 102 -1.11 -16.43 -4.78
N LEU A 103 -1.51 -15.59 -3.82
CA LEU A 103 -2.50 -16.02 -2.84
C LEU A 103 -3.88 -16.18 -3.47
N LYS A 104 -4.14 -15.46 -4.57
CA LYS A 104 -5.46 -15.47 -5.19
C LYS A 104 -5.77 -16.83 -5.84
N GLY A 105 -4.77 -17.63 -6.14
CA GLY A 105 -5.02 -18.96 -6.63
C GLY A 105 -4.98 -20.06 -5.59
N MET A 106 -4.98 -19.72 -4.30
CA MET A 106 -4.87 -20.73 -3.25
C MET A 106 -6.22 -21.03 -2.61
N GLU A 107 -6.23 -22.05 -1.76
CA GLU A 107 -7.39 -22.30 -0.93
C GLU A 107 -7.53 -21.18 0.07
N MET A 108 -8.74 -20.99 0.58
CA MET A 108 -8.92 -19.98 1.62
C MET A 108 -8.10 -20.30 2.84
N ALA A 109 -8.10 -21.58 3.25
CA ALA A 109 -7.30 -22.05 4.37
C ALA A 109 -6.94 -23.51 4.16
N GLU A 110 -5.96 -23.97 4.93
CA GLU A 110 -5.57 -25.38 4.95
C GLU A 110 -6.64 -26.23 5.65
N GLU A 111 -6.95 -27.37 5.05
CA GLU A 111 -7.70 -28.40 5.78
C GLU A 111 -6.77 -28.99 6.83
N VAL A 112 -7.07 -28.74 8.11
CA VAL A 112 -6.20 -29.23 9.17
C VAL A 112 -6.33 -30.74 9.28
N ASP A 113 -5.19 -31.43 9.36
CA ASP A 113 -5.22 -32.88 9.50
C ASP A 113 -5.73 -33.25 10.90
N THR A 114 -6.64 -34.23 10.93
CA THR A 114 -7.17 -34.73 12.19
C THR A 114 -6.05 -35.18 13.12
N LEU A 115 -4.98 -35.76 12.57
CA LEU A 115 -3.87 -36.24 13.38
C LEU A 115 -3.11 -35.11 14.06
N ASP A 116 -3.28 -33.87 13.60
CA ASP A 116 -2.60 -32.72 14.18
C ASP A 116 -3.49 -31.96 15.17
N ALA A 117 -4.54 -32.59 15.68
CA ALA A 117 -5.40 -31.95 16.68
C ALA A 117 -4.60 -31.50 17.90
N GLU A 118 -3.54 -32.24 18.26
CA GLU A 118 -2.74 -31.88 19.42
C GLU A 118 -2.08 -30.53 19.26
N LEU A 119 -1.84 -30.09 18.03
CA LEU A 119 -1.17 -28.81 17.80
C LEU A 119 -2.12 -27.64 17.87
N TYR A 120 -3.42 -27.89 18.03
CA TYR A 120 -4.42 -26.84 18.06
C TYR A 120 -5.20 -26.75 19.36
N GLU A 121 -5.47 -27.87 20.04
CA GLU A 121 -6.17 -27.81 21.32
C GLU A 121 -5.20 -27.40 22.43
N ILE A 122 -5.56 -26.38 23.20
CA ILE A 122 -4.74 -25.91 24.31
C ILE A 122 -5.52 -26.09 25.61
N PRO A 123 -4.97 -26.78 26.60
CA PRO A 123 -5.70 -26.98 27.86
C PRO A 123 -6.04 -25.66 28.53
N LEU A 124 -7.29 -25.53 28.95
CA LEU A 124 -7.76 -24.30 29.58
C LEU A 124 -6.97 -23.90 30.82
N PRO A 125 -6.67 -24.80 31.77
CA PRO A 125 -5.85 -24.37 32.93
C PRO A 125 -4.52 -23.78 32.52
N PHE A 126 -3.94 -24.22 31.42
CA PHE A 126 -2.68 -23.65 30.97
C PHE A 126 -2.88 -22.22 30.47
N LEU A 127 -3.95 -21.99 29.68
CA LEU A 127 -4.25 -20.65 29.20
C LEU A 127 -4.55 -19.70 30.34
N HIS A 128 -5.21 -20.20 31.39
CA HIS A 128 -5.48 -19.36 32.55
C HIS A 128 -4.19 -18.87 33.18
N ILE A 129 -3.14 -19.68 33.11
CA ILE A 129 -1.86 -19.29 33.68
C ILE A 129 -1.12 -18.33 32.75
N MET A 130 -0.96 -18.70 31.49
CA MET A 130 -0.08 -17.94 30.60
C MET A 130 -0.72 -16.63 30.14
N CYS A 131 -1.99 -16.67 29.76
CA CYS A 131 -2.65 -15.49 29.23
C CYS A 131 -3.19 -14.60 30.35
N GLY A 132 -3.58 -13.39 29.97
CA GLY A 132 -4.20 -12.49 30.93
C GLY A 132 -5.62 -12.93 31.27
N LYS A 133 -6.29 -12.07 32.05
CA LYS A 133 -7.57 -12.44 32.64
C LYS A 133 -8.64 -12.74 31.60
N THR A 134 -8.58 -12.10 30.44
CA THR A 134 -9.59 -12.34 29.41
C THR A 134 -9.19 -13.44 28.43
N LEU A 135 -8.03 -14.06 28.61
CA LEU A 135 -7.54 -15.13 27.75
C LEU A 135 -7.40 -14.64 26.31
N LYS A 136 -6.94 -13.40 26.15
CA LYS A 136 -6.73 -12.86 24.81
C LYS A 136 -5.56 -13.58 24.15
N PHE A 137 -5.79 -14.15 22.97
CA PHE A 137 -4.74 -14.89 22.29
C PHE A 137 -4.23 -14.08 21.12
N SER A 138 -3.79 -12.88 21.43
CA SER A 138 -3.43 -11.87 20.45
C SER A 138 -2.89 -10.71 21.27
N PRO A 139 -2.20 -9.74 20.66
CA PRO A 139 -1.39 -8.80 21.46
C PRO A 139 -2.22 -7.84 22.28
N GLY A 140 -1.63 -7.40 23.39
CA GLY A 140 -2.15 -6.28 24.15
C GLY A 140 -1.47 -4.98 23.76
N TYR A 141 -1.98 -3.89 24.31
CA TYR A 141 -1.44 -2.56 24.10
C TYR A 141 -0.77 -2.09 25.38
N PHE A 142 0.54 -1.85 25.32
CA PHE A 142 1.31 -1.44 26.50
C PHE A 142 1.56 0.06 26.42
N LYS A 143 0.95 0.82 27.34
CA LYS A 143 1.17 2.27 27.34
C LYS A 143 2.60 2.61 27.74
N ASP A 144 3.21 1.78 28.57
CA ASP A 144 4.64 1.81 28.85
C ASP A 144 5.03 0.45 29.40
N GLU A 145 6.32 0.27 29.69
CA GLU A 145 6.80 -1.04 30.15
C GLU A 145 6.30 -1.40 31.54
N SER A 146 5.56 -0.53 32.23
CA SER A 146 4.94 -0.89 33.50
C SER A 146 3.48 -1.36 33.35
N THR A 147 2.87 -1.18 32.18
CA THR A 147 1.53 -1.73 31.94
C THR A 147 1.56 -3.23 32.19
N THR A 148 0.54 -3.75 32.89
CA THR A 148 0.48 -5.19 33.16
C THR A 148 -0.17 -5.92 32.00
N LEU A 149 0.01 -7.24 31.98
CA LEU A 149 -0.61 -8.07 30.94
C LEU A 149 -2.12 -7.87 30.93
N ASP A 150 -2.75 -7.92 32.11
CA ASP A 150 -4.19 -7.73 32.20
C ASP A 150 -4.62 -6.37 31.67
N GLU A 151 -3.90 -5.32 32.06
CA GLU A 151 -4.17 -3.98 31.54
C GLU A 151 -3.99 -3.93 30.03
N SER A 152 -2.94 -4.57 29.52
CA SER A 152 -2.68 -4.48 28.08
C SER A 152 -3.80 -5.10 27.27
N GLU A 153 -4.44 -6.15 27.80
CA GLU A 153 -5.55 -6.78 27.07
C GLU A 153 -6.72 -5.82 26.94
N VAL A 154 -7.08 -5.17 28.05
CA VAL A 154 -8.24 -4.28 28.03
C VAL A 154 -7.93 -3.02 27.23
N TYR A 155 -6.69 -2.51 27.34
CA TYR A 155 -6.30 -1.35 26.56
C TYR A 155 -6.47 -1.61 25.08
N MET A 156 -6.04 -2.80 24.62
CA MET A 156 -6.12 -3.09 23.20
C MET A 156 -7.57 -3.28 22.78
N MET A 157 -8.38 -3.94 23.62
CA MET A 157 -9.77 -4.17 23.22
C MET A 157 -10.56 -2.88 23.21
N ASP A 158 -10.26 -1.93 24.11
CA ASP A 158 -10.91 -0.63 24.00
C ASP A 158 -10.47 0.11 22.75
N LEU A 159 -9.20 -0.07 22.35
CA LEU A 159 -8.72 0.49 21.10
C LEU A 159 -9.48 -0.09 19.90
N TYR A 160 -9.71 -1.42 19.89
CA TYR A 160 -10.56 -2.02 18.86
C TYR A 160 -11.93 -1.38 18.81
N CYS A 161 -12.56 -1.19 19.97
CA CYS A 161 -13.93 -0.67 19.98
C CYS A 161 -13.96 0.76 19.43
N GLU A 162 -12.93 1.54 19.75
CA GLU A 162 -12.86 2.92 19.25
C GLU A 162 -12.63 2.92 17.74
N ARG A 163 -11.63 2.17 17.30
CA ARG A 163 -11.28 2.18 15.87
C ARG A 163 -12.35 1.52 15.01
N ALA A 164 -13.04 0.51 15.55
CA ALA A 164 -14.15 -0.09 14.82
C ALA A 164 -15.46 0.68 15.00
N GLN A 165 -15.46 1.80 15.73
CA GLN A 165 -16.65 2.65 15.85
C GLN A 165 -17.85 1.86 16.38
N ILE A 166 -17.63 1.12 17.47
CA ILE A 166 -18.67 0.33 18.09
C ILE A 166 -19.57 1.26 18.87
N LYS A 167 -20.88 1.06 18.73
CA LYS A 167 -21.90 1.83 19.46
C LYS A 167 -22.90 0.87 20.06
N ASP A 168 -23.44 1.22 21.21
CA ASP A 168 -24.44 0.38 21.84
C ASP A 168 -25.61 0.16 20.89
N GLY A 169 -26.09 -1.08 20.83
CA GLY A 169 -27.22 -1.45 20.00
C GLY A 169 -26.86 -2.16 18.70
N GLN A 170 -25.60 -2.12 18.29
CA GLN A 170 -25.20 -2.74 17.02
C GLN A 170 -25.17 -4.26 17.13
N SER A 171 -25.37 -4.93 16.00
CA SER A 171 -25.07 -6.35 15.91
C SER A 171 -23.60 -6.53 15.57
N ILE A 172 -22.93 -7.40 16.32
CA ILE A 172 -21.48 -7.56 16.28
C ILE A 172 -21.19 -9.02 15.97
N LEU A 173 -20.28 -9.26 15.02
CA LEU A 173 -19.80 -10.61 14.71
C LEU A 173 -18.30 -10.68 14.99
N ASP A 174 -17.89 -11.65 15.81
CA ASP A 174 -16.49 -11.83 16.19
C ASP A 174 -16.01 -13.14 15.55
N LEU A 175 -15.27 -13.03 14.45
CA LEU A 175 -14.84 -14.20 13.68
C LEU A 175 -13.58 -14.81 14.28
N GLY A 176 -13.64 -16.09 14.65
CA GLY A 176 -12.49 -16.71 15.29
C GLY A 176 -12.36 -16.17 16.70
N CYS A 177 -13.40 -16.36 17.49
CA CYS A 177 -13.55 -15.61 18.74
C CYS A 177 -12.70 -16.14 19.88
N GLY A 178 -11.96 -17.24 19.68
CA GLY A 178 -11.11 -17.76 20.75
C GLY A 178 -11.90 -18.13 21.98
N HIS A 179 -11.32 -17.86 23.15
CA HIS A 179 -11.99 -18.03 24.42
C HIS A 179 -12.79 -16.79 24.80
N GLY A 180 -13.07 -15.93 23.83
CA GLY A 180 -14.11 -14.93 23.98
C GLY A 180 -13.65 -13.59 24.52
N SER A 181 -12.34 -13.29 24.52
CA SER A 181 -11.85 -12.04 25.11
C SER A 181 -12.60 -10.83 24.58
N LEU A 182 -12.70 -10.71 23.25
CA LEU A 182 -13.37 -9.53 22.68
C LEU A 182 -14.88 -9.69 22.69
N THR A 183 -15.39 -10.89 22.42
CA THR A 183 -16.83 -11.12 22.44
C THR A 183 -17.41 -10.71 23.79
N LEU A 184 -16.77 -11.18 24.85
CA LEU A 184 -17.25 -10.88 26.20
C LEU A 184 -16.96 -9.44 26.58
N HIS A 185 -15.84 -8.89 26.10
CA HIS A 185 -15.54 -7.48 26.39
C HIS A 185 -16.64 -6.58 25.84
N VAL A 186 -16.98 -6.78 24.56
CA VAL A 186 -18.01 -5.99 23.92
C VAL A 186 -19.38 -6.26 24.53
N ALA A 187 -19.71 -7.54 24.78
CA ALA A 187 -21.02 -7.84 25.33
C ALA A 187 -21.20 -7.23 26.70
N GLN A 188 -20.13 -7.19 27.51
CA GLN A 188 -20.24 -6.59 28.85
C GLN A 188 -20.33 -5.07 28.74
N LYS A 189 -19.58 -4.49 27.80
CA LYS A 189 -19.52 -3.04 27.73
C LYS A 189 -20.81 -2.45 27.17
N TYR A 190 -21.44 -3.14 26.22
CA TYR A 190 -22.56 -2.60 25.45
C TYR A 190 -23.75 -3.54 25.56
N ARG A 191 -24.59 -3.33 26.58
CA ARG A 191 -25.64 -4.31 26.88
C ARG A 191 -26.74 -4.33 25.83
N GLY A 192 -26.82 -3.30 24.97
CA GLY A 192 -27.74 -3.28 23.86
C GLY A 192 -27.22 -3.91 22.58
N CYS A 193 -25.93 -4.19 22.53
CA CYS A 193 -25.37 -4.92 21.39
C CYS A 193 -25.75 -6.39 21.46
N LYS A 194 -25.97 -7.00 20.30
CA LYS A 194 -26.05 -8.46 20.22
C LYS A 194 -24.74 -8.95 19.61
N VAL A 195 -24.03 -9.81 20.33
CA VAL A 195 -22.69 -10.25 19.94
C VAL A 195 -22.77 -11.73 19.57
N THR A 196 -22.35 -12.04 18.35
CA THR A 196 -22.23 -13.40 17.87
C THR A 196 -20.75 -13.69 17.66
N GLY A 197 -20.25 -14.77 18.27
CA GLY A 197 -18.90 -15.23 18.05
C GLY A 197 -18.92 -16.52 17.25
N ILE A 198 -17.91 -16.72 16.40
CA ILE A 198 -17.77 -17.95 15.63
C ILE A 198 -16.44 -18.61 15.97
N THR A 199 -16.49 -19.90 16.32
CA THR A 199 -15.26 -20.65 16.53
C THR A 199 -15.50 -22.07 16.06
N ASN A 200 -14.42 -22.75 15.68
CA ASN A 200 -14.48 -24.16 15.32
C ASN A 200 -14.12 -25.07 16.49
N SER A 201 -14.00 -24.53 17.71
CA SER A 201 -13.54 -25.29 18.86
C SER A 201 -14.68 -25.50 19.86
N VAL A 202 -15.02 -26.77 20.12
CA VAL A 202 -16.05 -27.07 21.10
C VAL A 202 -15.65 -26.54 22.49
N SER A 203 -14.39 -26.71 22.89
CA SER A 203 -14.01 -26.29 24.23
C SER A 203 -14.01 -24.77 24.37
N GLN A 204 -13.69 -24.04 23.29
CA GLN A 204 -13.82 -22.59 23.36
C GLN A 204 -15.28 -22.19 23.53
N LYS A 205 -16.18 -22.82 22.79
CA LYS A 205 -17.59 -22.43 22.89
C LYS A 205 -18.12 -22.74 24.29
N GLU A 206 -17.77 -23.90 24.83
CA GLU A 206 -18.22 -24.26 26.18
C GLU A 206 -17.78 -23.21 27.20
N PHE A 207 -16.50 -22.82 27.12
CA PHE A 207 -15.97 -21.84 28.07
C PHE A 207 -16.72 -20.51 27.99
N ILE A 208 -16.99 -20.03 26.78
CA ILE A 208 -17.66 -18.74 26.64
C ILE A 208 -19.09 -18.81 27.17
N MET A 209 -19.82 -19.87 26.82
CA MET A 209 -21.18 -19.98 27.33
C MET A 209 -21.19 -20.11 28.85
N ASP A 210 -20.17 -20.76 29.42
CA ASP A 210 -20.05 -20.84 30.88
C ASP A 210 -19.79 -19.45 31.48
N GLN A 211 -18.94 -18.66 30.82
CA GLN A 211 -18.74 -17.28 31.26
C GLN A 211 -20.01 -16.46 31.17
N CYS A 212 -20.80 -16.65 30.10
CA CYS A 212 -22.05 -15.91 29.98
C CYS A 212 -22.96 -16.19 31.16
N LYS A 213 -23.00 -17.45 31.60
CA LYS A 213 -23.80 -17.81 32.78
C LYS A 213 -23.27 -17.09 34.02
N LYS A 214 -21.95 -17.10 34.22
CA LYS A 214 -21.38 -16.52 35.42
C LYS A 214 -21.53 -15.00 35.44
N LEU A 215 -21.45 -14.35 34.27
CA LEU A 215 -21.51 -12.90 34.15
C LEU A 215 -22.93 -12.39 33.93
N ASP A 216 -23.91 -13.29 33.88
CA ASP A 216 -25.31 -12.97 33.63
C ASP A 216 -25.48 -12.11 32.38
N LEU A 217 -24.91 -12.57 31.27
CA LEU A 217 -25.08 -11.96 29.96
C LEU A 217 -26.09 -12.75 29.14
N SER A 218 -27.00 -12.02 28.50
CA SER A 218 -27.99 -12.62 27.62
C SER A 218 -27.80 -12.18 26.18
N ASN A 219 -26.73 -11.45 25.87
CA ASN A 219 -26.55 -10.84 24.56
C ASN A 219 -25.39 -11.45 23.80
N VAL A 220 -25.10 -12.72 24.07
CA VAL A 220 -24.01 -13.45 23.42
C VAL A 220 -24.55 -14.73 22.80
N GLU A 221 -24.17 -14.98 21.55
CA GLU A 221 -24.40 -16.26 20.90
C GLU A 221 -23.09 -16.75 20.32
N ILE A 222 -22.78 -18.04 20.50
CA ILE A 222 -21.58 -18.61 19.91
C ILE A 222 -21.99 -19.68 18.90
N ILE A 223 -21.59 -19.49 17.65
CA ILE A 223 -21.82 -20.47 16.59
C ILE A 223 -20.58 -21.35 16.47
N LEU A 224 -20.79 -22.67 16.49
CA LEU A 224 -19.68 -23.62 16.31
C LEU A 224 -19.62 -23.98 14.83
N GLU A 225 -18.68 -23.38 14.12
CA GLU A 225 -18.58 -23.62 12.69
C GLU A 225 -17.17 -23.28 12.22
N ASP A 226 -16.77 -23.93 11.13
CA ASP A 226 -15.58 -23.55 10.35
C ASP A 226 -15.94 -22.32 9.52
N VAL A 227 -15.25 -21.21 9.77
CA VAL A 227 -15.62 -19.94 9.16
C VAL A 227 -15.44 -20.01 7.65
N THR A 228 -14.52 -20.85 7.18
CA THR A 228 -14.24 -20.96 5.75
C THR A 228 -15.32 -21.72 5.01
N LYS A 229 -16.19 -22.41 5.73
CA LYS A 229 -17.29 -23.13 5.12
C LYS A 229 -18.64 -22.56 5.52
N PHE A 230 -18.65 -21.54 6.37
CA PHE A 230 -19.87 -21.10 7.02
C PHE A 230 -20.78 -20.39 6.03
N GLU A 231 -22.06 -20.76 6.04
CA GLU A 231 -23.07 -20.14 5.20
C GLU A 231 -24.10 -19.49 6.11
N THR A 232 -24.24 -18.17 5.99
CA THR A 232 -25.29 -17.44 6.69
C THR A 232 -25.76 -16.31 5.79
N GLU A 233 -27.04 -15.99 5.92
CA GLU A 233 -27.59 -14.80 5.28
C GLU A 233 -27.73 -13.64 6.27
N ILE A 234 -27.26 -13.78 7.49
CA ILE A 234 -27.33 -12.69 8.45
C ILE A 234 -26.27 -11.67 8.09
N THR A 235 -26.60 -10.39 8.22
CA THR A 235 -25.61 -9.34 8.08
C THR A 235 -25.47 -8.64 9.43
N TYR A 236 -24.30 -8.04 9.62
CA TYR A 236 -23.93 -7.49 10.92
C TYR A 236 -23.41 -6.08 10.73
N ASP A 237 -23.68 -5.24 11.74
CA ASP A 237 -23.22 -3.86 11.69
C ASP A 237 -21.71 -3.76 11.79
N ARG A 238 -21.08 -4.66 12.51
CA ARG A 238 -19.65 -4.62 12.79
C ARG A 238 -19.15 -6.04 12.82
N ILE A 239 -18.04 -6.30 12.15
CA ILE A 239 -17.40 -7.61 12.16
C ILE A 239 -15.97 -7.42 12.62
N PHE A 240 -15.53 -8.27 13.54
CA PHE A 240 -14.13 -8.29 13.97
C PHE A 240 -13.46 -9.55 13.44
N ALA A 241 -12.22 -9.41 12.95
CA ALA A 241 -11.39 -10.57 12.60
C ALA A 241 -10.01 -10.26 13.18
N VAL A 242 -9.82 -10.60 14.45
CA VAL A 242 -8.59 -10.34 15.18
C VAL A 242 -7.77 -11.62 15.24
N ALA A 243 -6.56 -11.58 14.66
CA ALA A 243 -5.65 -12.74 14.65
C ALA A 243 -6.26 -13.96 13.98
N LEU A 244 -7.14 -13.74 13.01
CA LEU A 244 -7.71 -14.83 12.22
C LEU A 244 -7.06 -14.95 10.86
N ILE A 245 -6.66 -13.84 10.26
CA ILE A 245 -6.03 -13.83 8.94
C ILE A 245 -4.79 -14.71 8.93
N GLU A 246 -4.09 -14.82 10.07
CA GLU A 246 -2.88 -15.64 10.13
C GLU A 246 -3.16 -17.12 9.85
N HIS A 247 -4.41 -17.55 9.94
CA HIS A 247 -4.81 -18.91 9.57
C HIS A 247 -5.15 -19.06 8.08
N MET A 248 -5.29 -17.95 7.37
CA MET A 248 -5.77 -17.97 5.99
C MET A 248 -4.61 -17.88 5.00
N LYS A 249 -4.91 -18.28 3.77
CA LYS A 249 -3.98 -18.10 2.65
C LYS A 249 -4.59 -17.20 1.58
N ASN A 250 -5.70 -17.61 0.98
CA ASN A 250 -6.31 -16.79 -0.07
C ASN A 250 -7.15 -15.70 0.59
N TYR A 251 -6.51 -14.55 0.83
CA TYR A 251 -7.23 -13.43 1.43
C TYR A 251 -8.38 -12.96 0.55
N GLU A 252 -8.25 -13.09 -0.77
CA GLU A 252 -9.31 -12.63 -1.66
C GLU A 252 -10.58 -13.41 -1.42
N LEU A 253 -10.48 -14.75 -1.37
CA LEU A 253 -11.63 -15.58 -1.10
C LEU A 253 -12.18 -15.33 0.29
N PHE A 254 -11.28 -15.18 1.27
CA PHE A 254 -11.69 -14.88 2.63
C PHE A 254 -12.53 -13.61 2.69
N LEU A 255 -12.00 -12.51 2.17
CA LEU A 255 -12.72 -11.24 2.27
C LEU A 255 -13.97 -11.23 1.41
N LYS A 256 -14.00 -12.00 0.31
CA LYS A 256 -15.26 -12.10 -0.42
C LYS A 256 -16.35 -12.70 0.46
N LYS A 257 -16.04 -13.81 1.13
CA LYS A 257 -17.03 -14.44 1.98
C LYS A 257 -17.44 -13.52 3.12
N VAL A 258 -16.47 -12.92 3.81
CA VAL A 258 -16.81 -12.05 4.93
C VAL A 258 -17.62 -10.84 4.47
N SER A 259 -17.32 -10.33 3.28
CA SER A 259 -18.01 -9.13 2.81
C SER A 259 -19.52 -9.34 2.72
N THR A 260 -19.97 -10.58 2.44
CA THR A 260 -21.40 -10.82 2.34
C THR A 260 -22.08 -10.71 3.69
N TRP A 261 -21.32 -10.76 4.78
CA TRP A 261 -21.89 -10.69 6.12
C TRP A 261 -21.94 -9.26 6.66
N ILE A 262 -21.41 -8.29 5.94
CA ILE A 262 -21.42 -6.90 6.39
C ILE A 262 -22.74 -6.25 6.00
N ALA A 263 -23.42 -5.65 6.97
CA ALA A 263 -24.67 -4.97 6.66
C ALA A 263 -24.41 -3.71 5.84
N GLN A 264 -25.50 -3.16 5.32
CA GLN A 264 -25.42 -1.84 4.71
C GLN A 264 -24.92 -0.83 5.75
N ASP A 265 -23.90 -0.09 5.37
CA ASP A 265 -23.18 0.89 6.19
C ASP A 265 -22.43 0.23 7.35
N GLY A 266 -22.25 -1.10 7.31
CA GLY A 266 -21.48 -1.76 8.35
C GLY A 266 -19.99 -1.68 8.09
N LEU A 267 -19.20 -2.15 9.07
CA LEU A 267 -17.76 -2.08 9.01
C LEU A 267 -17.15 -3.41 9.43
N LEU A 268 -15.96 -3.68 8.89
CA LEU A 268 -15.17 -4.87 9.19
C LEU A 268 -13.82 -4.40 9.70
N PHE A 269 -13.42 -4.88 10.88
CA PHE A 269 -12.13 -4.50 11.47
C PHE A 269 -11.24 -5.73 11.54
N VAL A 270 -10.05 -5.64 10.89
CA VAL A 270 -9.10 -6.74 10.79
C VAL A 270 -7.80 -6.30 11.48
N GLU A 271 -7.28 -7.16 12.37
CA GLU A 271 -5.94 -6.99 12.90
C GLU A 271 -5.10 -8.20 12.49
N HIS A 272 -3.95 -7.94 11.89
CA HIS A 272 -3.06 -9.04 11.53
C HIS A 272 -1.64 -8.67 11.89
N HIS A 273 -0.88 -9.63 12.41
CA HIS A 273 0.53 -9.36 12.57
C HIS A 273 1.21 -9.47 11.21
N CYS A 274 2.33 -8.75 11.07
CA CYS A 274 2.88 -8.58 9.73
C CYS A 274 4.35 -8.20 9.81
N HIS A 275 5.02 -8.30 8.67
CA HIS A 275 6.22 -7.50 8.48
C HIS A 275 5.84 -6.18 7.84
N LYS A 276 6.60 -5.13 8.18
CA LYS A 276 6.30 -3.79 7.69
C LYS A 276 6.25 -3.74 6.16
N VAL A 277 7.12 -4.49 5.51
CA VAL A 277 7.43 -4.28 4.10
C VAL A 277 7.06 -5.48 3.24
N PHE A 278 7.56 -6.67 3.60
CA PHE A 278 7.40 -7.80 2.69
C PHE A 278 6.58 -8.91 3.34
N ALA A 279 5.98 -9.75 2.50
CA ALA A 279 5.22 -10.90 2.94
C ALA A 279 5.91 -12.18 2.49
N TYR A 280 5.62 -13.28 3.17
CA TYR A 280 6.28 -14.53 2.80
C TYR A 280 5.51 -15.71 3.36
N GLN A 281 5.66 -16.85 2.69
CA GLN A 281 5.25 -18.12 3.27
C GLN A 281 6.34 -18.61 4.19
N TYR A 282 5.95 -19.33 5.24
CA TYR A 282 6.91 -19.86 6.18
C TYR A 282 7.55 -21.08 5.57
N GLU A 283 8.67 -20.87 4.91
CA GLU A 283 9.39 -21.99 4.37
C GLU A 283 10.86 -21.83 4.73
N PRO A 284 11.56 -22.93 4.97
CA PRO A 284 12.96 -22.86 5.39
C PRO A 284 13.76 -21.98 4.44
N LEU A 285 14.61 -21.14 5.04
CA LEU A 285 15.46 -20.27 4.25
C LEU A 285 16.67 -21.00 3.69
N ASP A 286 17.13 -22.03 4.39
CA ASP A 286 18.28 -22.83 3.97
C ASP A 286 18.20 -24.17 4.71
N GLU A 287 19.19 -25.03 4.46
CA GLU A 287 19.17 -26.35 5.07
C GLU A 287 19.36 -26.30 6.59
N ASP A 288 19.67 -25.14 7.17
CA ASP A 288 19.90 -25.00 8.60
C ASP A 288 18.67 -24.49 9.35
N ASP A 289 17.54 -24.37 8.69
CA ASP A 289 16.35 -23.72 9.27
C ASP A 289 15.65 -24.69 10.23
N TRP A 290 15.81 -24.45 11.53
CA TRP A 290 15.05 -25.15 12.57
C TRP A 290 13.70 -24.48 12.82
N TYR A 291 13.65 -23.15 12.63
CA TYR A 291 12.50 -22.35 13.06
C TYR A 291 11.21 -22.80 12.40
N THR A 292 11.20 -22.85 11.06
CA THR A 292 9.97 -23.21 10.36
C THR A 292 9.54 -24.63 10.70
N GLU A 293 10.49 -25.54 10.85
CA GLU A 293 10.18 -26.92 11.18
C GLU A 293 9.65 -27.04 12.60
N TYR A 294 10.15 -26.22 13.52
CA TYR A 294 9.82 -26.42 14.92
C TYR A 294 8.53 -25.72 15.32
N ILE A 295 8.30 -24.52 14.81
CA ILE A 295 7.21 -23.68 15.29
C ILE A 295 5.89 -23.99 14.59
N PHE A 296 5.93 -24.33 13.30
CA PHE A 296 4.69 -24.37 12.53
C PHE A 296 4.26 -25.80 12.22
N PRO A 297 2.95 -26.05 12.05
CA PRO A 297 2.50 -27.40 11.68
C PRO A 297 2.86 -27.72 10.23
N SER A 298 2.44 -28.89 9.75
CA SER A 298 2.90 -29.38 8.45
C SER A 298 2.45 -28.47 7.32
N GLY A 299 1.21 -27.97 7.40
CA GLY A 299 0.72 -27.07 6.38
C GLY A 299 1.48 -25.76 6.36
N THR A 300 1.40 -25.07 5.20
CA THR A 300 2.12 -23.84 4.98
C THR A 300 1.25 -22.63 5.32
N LEU A 301 1.80 -21.71 6.10
CA LEU A 301 1.12 -20.49 6.51
C LEU A 301 1.89 -19.27 6.00
N VAL A 302 1.29 -18.11 6.18
CA VAL A 302 1.75 -16.87 5.54
C VAL A 302 1.99 -15.80 6.58
N MET A 303 3.13 -15.12 6.48
CA MET A 303 3.35 -13.85 7.18
C MET A 303 2.93 -12.72 6.24
N SER A 304 1.90 -11.98 6.64
CA SER A 304 1.45 -10.86 5.83
C SER A 304 2.45 -9.69 5.92
N SER A 305 2.31 -8.73 5.00
CA SER A 305 2.96 -7.43 5.18
C SER A 305 1.93 -6.40 5.58
N SER A 306 2.40 -5.24 6.05
CA SER A 306 1.46 -4.25 6.57
C SER A 306 0.55 -3.71 5.48
N SER A 307 0.98 -3.71 4.22
CA SER A 307 0.15 -3.17 3.15
C SER A 307 -0.59 -4.23 2.35
N ILE A 308 -0.45 -5.52 2.67
CA ILE A 308 -0.89 -6.50 1.68
C ILE A 308 -2.41 -6.48 1.52
N LEU A 309 -3.18 -6.16 2.58
CA LEU A 309 -4.63 -6.18 2.39
C LEU A 309 -5.14 -5.04 1.51
N LEU A 310 -4.31 -4.00 1.26
CA LEU A 310 -4.68 -2.96 0.33
C LEU A 310 -4.89 -3.49 -1.08
N TYR A 311 -4.27 -4.63 -1.38
CA TYR A 311 -4.41 -5.26 -2.70
C TYR A 311 -5.59 -6.23 -2.77
N PHE A 312 -6.40 -6.31 -1.70
CA PHE A 312 -7.55 -7.19 -1.68
C PHE A 312 -8.82 -6.40 -1.42
N GLN A 313 -9.04 -5.36 -2.22
CA GLN A 313 -10.21 -4.50 -2.05
C GLN A 313 -11.23 -4.69 -3.16
N GLU A 314 -11.43 -5.92 -3.63
CA GLU A 314 -12.47 -6.14 -4.63
C GLU A 314 -13.88 -6.13 -4.04
N ASP A 315 -14.04 -6.58 -2.78
CA ASP A 315 -15.36 -6.71 -2.18
C ASP A 315 -15.56 -5.85 -0.95
N VAL A 316 -14.49 -5.30 -0.39
CA VAL A 316 -14.54 -4.33 0.70
C VAL A 316 -13.55 -3.25 0.33
N SER A 317 -13.70 -2.05 0.91
CA SER A 317 -12.72 -1.02 0.65
C SER A 317 -12.31 -0.34 1.95
N VAL A 318 -11.09 0.20 1.94
CA VAL A 318 -10.46 0.64 3.20
C VAL A 318 -11.01 1.99 3.64
N VAL A 319 -11.42 2.06 4.91
CA VAL A 319 -11.83 3.29 5.60
C VAL A 319 -10.66 3.89 6.38
N ASN A 320 -9.85 3.03 6.99
CA ASN A 320 -8.71 3.50 7.75
C ASN A 320 -7.73 2.35 7.89
N HIS A 321 -6.49 2.69 8.19
CA HIS A 321 -5.41 1.71 8.22
C HIS A 321 -4.38 2.22 9.20
N TRP A 322 -4.08 1.45 10.24
CA TRP A 322 -3.11 1.84 11.27
C TRP A 322 -2.08 0.74 11.45
N THR A 323 -0.90 1.09 11.96
CA THR A 323 0.00 0.05 12.48
C THR A 323 0.36 0.39 13.93
N LEU A 324 0.73 -0.66 14.66
CA LEU A 324 1.28 -0.56 16.01
C LEU A 324 2.62 -1.27 16.06
N SER A 325 3.57 -0.66 16.77
CA SER A 325 4.94 -1.16 16.89
C SER A 325 5.00 -2.61 17.33
N GLY A 326 6.03 -3.33 16.86
CA GLY A 326 6.29 -4.68 17.38
C GLY A 326 6.64 -4.70 18.86
N LYS A 327 6.94 -3.56 19.47
CA LYS A 327 7.15 -3.54 20.91
C LYS A 327 5.94 -4.10 21.67
N HIS A 328 4.71 -3.88 21.17
CA HIS A 328 3.53 -4.35 21.92
C HIS A 328 3.47 -5.86 21.96
N PRO A 329 3.49 -6.59 20.85
CA PRO A 329 3.57 -8.05 20.97
C PRO A 329 4.85 -8.54 21.66
N SER A 330 5.99 -7.87 21.46
CA SER A 330 7.21 -8.30 22.15
C SER A 330 7.01 -8.30 23.65
N LEU A 331 6.46 -7.22 24.20
CA LEU A 331 6.22 -7.15 25.64
C LEU A 331 5.20 -8.20 26.08
N GLY A 332 4.20 -8.44 25.23
CA GLY A 332 3.19 -9.44 25.57
C GLY A 332 3.79 -10.82 25.72
N PHE A 333 4.67 -11.21 24.81
CA PHE A 333 5.25 -12.53 24.90
C PHE A 333 6.19 -12.66 26.09
N LYS A 334 6.86 -11.58 26.49
CA LYS A 334 7.65 -11.60 27.71
C LYS A 334 6.78 -11.87 28.92
N GLN A 335 5.59 -11.29 28.96
CA GLN A 335 4.69 -11.51 30.09
C GLN A 335 4.13 -12.92 30.09
N TRP A 336 3.81 -13.44 28.90
CA TRP A 336 3.39 -14.85 28.81
C TRP A 336 4.46 -15.78 29.37
N LEU A 337 5.72 -15.56 28.97
CA LEU A 337 6.82 -16.39 29.44
C LEU A 337 7.02 -16.27 30.95
N LYS A 338 6.98 -15.05 31.47
CA LYS A 338 7.12 -14.86 32.91
C LYS A 338 6.04 -15.61 33.67
N ARG A 339 4.80 -15.58 33.17
CA ARG A 339 3.71 -16.25 33.87
C ARG A 339 3.88 -17.76 33.82
N LEU A 340 4.30 -18.28 32.68
CA LEU A 340 4.62 -19.70 32.56
C LEU A 340 5.70 -20.09 33.56
N ASP A 341 6.79 -19.31 33.62
CA ASP A 341 7.88 -19.66 34.51
C ASP A 341 7.49 -19.50 35.99
N ASP A 342 6.72 -18.47 36.32
CA ASP A 342 6.30 -18.27 37.71
C ASP A 342 5.36 -19.37 38.21
N ASN A 343 4.80 -20.18 37.33
CA ASN A 343 3.83 -21.21 37.70
C ASN A 343 4.24 -22.53 37.08
N ILE A 344 5.54 -22.75 36.94
CA ILE A 344 6.02 -23.88 36.17
C ILE A 344 5.58 -25.19 36.77
N ASP A 345 5.45 -25.26 38.11
CA ASP A 345 5.06 -26.53 38.73
C ASP A 345 3.64 -26.89 38.35
N GLU A 346 2.72 -25.92 38.38
CA GLU A 346 1.35 -26.18 37.97
C GLU A 346 1.28 -26.46 36.47
N VAL A 347 2.07 -25.73 35.65
CA VAL A 347 2.11 -26.00 34.22
C VAL A 347 2.54 -27.45 33.97
N LYS A 348 3.58 -27.89 34.66
CA LYS A 348 4.00 -29.28 34.56
C LYS A 348 2.88 -30.23 34.90
N GLU A 349 2.15 -29.96 35.99
CA GLU A 349 1.10 -30.89 36.38
C GLU A 349 -0.03 -30.91 35.35
N ILE A 350 -0.39 -29.73 34.83
CA ILE A 350 -1.41 -29.65 33.79
C ILE A 350 -0.98 -30.43 32.55
N PHE A 351 0.26 -30.24 32.10
CA PHE A 351 0.66 -30.87 30.86
C PHE A 351 0.94 -32.35 31.05
N GLU A 352 1.54 -32.75 32.18
CA GLU A 352 1.73 -34.17 32.45
C GLU A 352 0.39 -34.90 32.48
N SER A 353 -0.61 -34.29 33.12
CA SER A 353 -1.95 -34.84 33.15
C SER A 353 -2.57 -34.90 31.75
N PHE A 354 -2.47 -33.80 31.00
CA PHE A 354 -3.15 -33.69 29.72
C PHE A 354 -2.45 -34.50 28.63
N TYR A 355 -1.12 -34.52 28.63
CA TYR A 355 -0.40 -35.15 27.53
C TYR A 355 0.04 -36.59 27.83
N GLY A 356 -0.01 -37.02 29.08
CA GLY A 356 0.09 -38.43 29.39
C GLY A 356 1.47 -38.97 29.66
N SER A 357 2.50 -38.13 29.64
CA SER A 357 3.83 -38.58 30.02
C SER A 357 4.66 -37.36 30.41
N LYS A 358 5.71 -37.61 31.19
CA LYS A 358 6.63 -36.52 31.52
C LYS A 358 7.35 -36.04 30.26
N GLU A 359 7.74 -36.97 29.39
CA GLU A 359 8.47 -36.62 28.18
C GLU A 359 7.66 -35.73 27.26
N LYS A 360 6.44 -36.13 26.95
CA LYS A 360 5.62 -35.33 26.05
C LYS A 360 5.22 -34.01 26.70
N ALA A 361 5.05 -34.01 28.01
CA ALA A 361 4.77 -32.77 28.72
C ALA A 361 5.93 -31.79 28.58
N MET A 362 7.15 -32.28 28.81
CA MET A 362 8.33 -31.44 28.65
C MET A 362 8.39 -30.86 27.25
N LYS A 363 8.07 -31.68 26.26
CA LYS A 363 8.11 -31.24 24.87
C LYS A 363 7.17 -30.05 24.64
N PHE A 364 5.94 -30.13 25.18
CA PHE A 364 4.99 -29.05 24.96
C PHE A 364 5.27 -27.83 25.82
N ILE A 365 5.75 -28.02 27.06
CA ILE A 365 6.16 -26.87 27.86
C ILE A 365 7.30 -26.15 27.15
N THR A 366 8.29 -26.91 26.71
CA THR A 366 9.42 -26.32 25.98
C THR A 366 8.94 -25.57 24.75
N TYR A 367 8.00 -26.16 23.99
CA TYR A 367 7.48 -25.47 22.81
C TYR A 367 6.96 -24.07 23.15
N TRP A 368 6.12 -23.96 24.17
CA TRP A 368 5.52 -22.68 24.50
C TRP A 368 6.56 -21.69 25.00
N ARG A 369 7.55 -22.18 25.76
CA ARG A 369 8.62 -21.28 26.18
C ARG A 369 9.41 -20.77 24.98
N VAL A 370 9.80 -21.67 24.08
CA VAL A 370 10.52 -21.29 22.86
C VAL A 370 9.68 -20.33 22.03
N PHE A 371 8.38 -20.63 21.90
CA PHE A 371 7.51 -19.73 21.14
C PHE A 371 7.53 -18.32 21.72
N CYS A 372 7.42 -18.19 23.04
CA CYS A 372 7.44 -16.85 23.65
C CYS A 372 8.80 -16.19 23.50
N ILE A 373 9.88 -16.94 23.74
CA ILE A 373 11.21 -16.37 23.66
C ILE A 373 11.50 -15.87 22.25
N ALA A 374 11.28 -16.74 21.27
CA ALA A 374 11.61 -16.41 19.89
C ALA A 374 10.76 -15.25 19.39
N HIS A 375 9.47 -15.25 19.70
CA HIS A 375 8.67 -14.19 19.12
C HIS A 375 8.78 -12.88 19.89
N SER A 376 9.10 -12.93 21.17
CA SER A 376 9.49 -11.69 21.84
C SER A 376 10.69 -11.08 21.14
N GLN A 377 11.67 -11.91 20.78
CA GLN A 377 12.86 -11.39 20.13
C GLN A 377 12.53 -10.88 18.73
N MET A 378 11.78 -11.66 17.96
CA MET A 378 11.46 -11.25 16.59
C MET A 378 10.75 -9.90 16.57
N TYR A 379 9.69 -9.75 17.35
CA TYR A 379 8.92 -8.50 17.30
C TYR A 379 9.71 -7.32 17.85
N SER A 380 10.72 -7.57 18.69
CA SER A 380 11.53 -6.48 19.23
C SER A 380 12.51 -5.92 18.20
N THR A 381 12.77 -6.66 17.12
CA THR A 381 13.83 -6.31 16.17
C THR A 381 13.75 -4.84 15.75
N ASN A 382 14.89 -4.16 15.80
CA ASN A 382 15.00 -2.76 15.36
C ASN A 382 13.94 -1.87 15.99
N ASN A 383 13.87 -1.94 17.33
CA ASN A 383 12.97 -1.11 18.12
C ASN A 383 11.51 -1.27 17.70
N GLY A 384 11.13 -2.47 17.26
CA GLY A 384 9.76 -2.74 16.89
C GLY A 384 9.35 -2.31 15.49
N GLU A 385 10.30 -1.96 14.63
CA GLU A 385 9.99 -1.38 13.32
C GLU A 385 10.18 -2.38 12.16
N GLU A 386 10.23 -3.68 12.44
CA GLU A 386 10.29 -4.69 11.38
C GLU A 386 9.02 -5.49 11.40
N TRP A 387 8.81 -6.34 12.41
CA TRP A 387 7.54 -7.02 12.56
C TRP A 387 6.67 -6.25 13.55
N MET A 388 5.38 -6.17 13.26
CA MET A 388 4.50 -5.22 13.94
C MET A 388 3.06 -5.69 13.73
N LEU A 389 2.12 -4.83 14.08
CA LEU A 389 0.69 -5.11 13.94
C LEU A 389 0.08 -4.17 12.92
N SER A 390 -0.80 -4.71 12.08
CA SER A 390 -1.58 -3.91 11.15
C SER A 390 -3.06 -4.06 11.48
N GLN A 391 -3.76 -2.92 11.55
CA GLN A 391 -5.20 -2.88 11.75
C GLN A 391 -5.83 -2.19 10.55
N VAL A 392 -6.86 -2.81 9.98
CA VAL A 392 -7.51 -2.24 8.80
C VAL A 392 -9.01 -2.19 9.06
N LEU A 393 -9.60 -1.03 8.80
CA LEU A 393 -11.04 -0.86 8.86
C LEU A 393 -11.59 -0.80 7.44
N PHE A 394 -12.56 -1.67 7.15
CA PHE A 394 -13.14 -1.82 5.81
C PHE A 394 -14.62 -1.49 5.85
N LYS A 395 -15.12 -0.90 4.77
CA LYS A 395 -16.55 -0.85 4.51
C LYS A 395 -16.90 -1.74 3.31
N LYS A 396 -18.18 -2.03 3.16
CA LYS A 396 -18.61 -2.92 2.08
C LYS A 396 -18.51 -2.21 0.74
N LYS A 397 -18.23 -3.01 -0.29
CA LYS A 397 -18.20 -2.59 -1.69
C LYS A 397 -16.97 -1.75 -1.93
N ALA B 51 14.00 38.65 -0.55
CA ALA B 51 15.25 38.03 -0.96
C ALA B 51 14.99 36.90 -1.96
N VAL B 52 13.92 36.14 -1.74
CA VAL B 52 13.51 35.14 -2.71
C VAL B 52 13.01 35.81 -3.98
N ALA B 53 12.20 36.87 -3.83
CA ALA B 53 11.73 37.63 -4.98
C ALA B 53 12.89 38.27 -5.73
N ASN B 54 13.94 38.68 -5.02
CA ASN B 54 15.13 39.17 -5.68
C ASN B 54 15.83 38.06 -6.46
N LEU B 55 16.00 36.91 -5.81
CA LEU B 55 16.66 35.77 -6.46
C LEU B 55 15.88 35.29 -7.69
N ILE B 56 14.55 35.25 -7.58
CA ILE B 56 13.71 34.87 -8.72
C ILE B 56 13.89 35.83 -9.87
N LYS B 57 13.93 37.14 -9.59
CA LYS B 57 14.19 38.10 -10.66
C LYS B 57 15.57 37.91 -11.25
N ARG B 58 16.56 37.52 -10.43
CA ARG B 58 17.86 37.13 -10.97
C ARG B 58 17.67 35.94 -11.90
N ILE B 59 16.83 34.99 -11.47
CA ILE B 59 16.57 33.80 -12.27
C ILE B 59 15.96 34.19 -13.63
N GLU B 60 14.84 34.90 -13.61
CA GLU B 60 14.11 35.20 -14.85
C GLU B 60 14.94 35.98 -15.87
N HIS B 61 16.03 36.62 -15.43
CA HIS B 61 16.92 37.30 -16.35
C HIS B 61 18.09 36.42 -16.79
N GLY B 62 18.25 35.25 -16.20
CA GLY B 62 19.32 34.34 -16.57
C GLY B 62 20.65 34.75 -15.99
N GLU B 63 20.78 34.73 -14.67
CA GLU B 63 22.02 35.22 -14.06
C GLU B 63 22.61 34.28 -13.01
N VAL B 64 22.14 33.04 -12.89
CA VAL B 64 22.75 32.06 -11.99
C VAL B 64 22.97 30.78 -12.79
N SER B 65 24.15 30.19 -12.62
CA SER B 65 24.62 29.07 -13.43
C SER B 65 23.95 27.76 -13.00
N ASP B 66 24.31 26.67 -13.70
CA ASP B 66 23.56 25.42 -13.60
C ASP B 66 23.97 24.65 -12.34
N GLU B 67 25.27 24.47 -12.12
CA GLU B 67 25.74 23.62 -11.02
C GLU B 67 25.30 24.13 -9.66
N GLU B 68 24.97 25.41 -9.54
CA GLU B 68 24.40 25.88 -8.29
C GLU B 68 22.89 25.82 -8.27
N ILE B 69 22.24 25.80 -9.44
CA ILE B 69 20.83 25.44 -9.45
C ILE B 69 20.65 24.06 -8.85
N ARG B 70 21.57 23.14 -9.18
CA ARG B 70 21.54 21.80 -8.58
C ARG B 70 21.79 21.86 -7.08
N GLY B 71 22.77 22.67 -6.66
CA GLY B 71 23.03 22.82 -5.23
C GLY B 71 21.83 23.33 -4.46
N MET B 72 21.15 24.34 -5.00
CA MET B 72 19.94 24.85 -4.36
C MET B 72 18.84 23.81 -4.33
N MET B 73 18.67 23.04 -5.41
CA MET B 73 17.65 21.99 -5.38
C MET B 73 18.01 20.89 -4.39
N LYS B 74 19.29 20.57 -4.23
CA LYS B 74 19.68 19.56 -3.24
C LYS B 74 19.29 19.99 -1.83
N ILE B 75 19.41 21.28 -1.53
CA ILE B 75 18.94 21.84 -0.27
C ILE B 75 17.44 21.64 -0.15
N GLN B 76 16.71 22.02 -1.20
CA GLN B 76 15.26 21.84 -1.22
C GLN B 76 14.89 20.38 -1.01
N VAL B 77 15.61 19.48 -1.67
CA VAL B 77 15.31 18.05 -1.55
C VAL B 77 15.48 17.60 -0.11
N GLN B 78 16.58 18.02 0.50
CA GLN B 78 16.86 17.56 1.87
C GLN B 78 15.81 18.07 2.85
N LYS B 79 15.29 19.28 2.64
CA LYS B 79 14.26 19.81 3.52
C LYS B 79 12.93 19.09 3.33
N ARG B 80 12.58 18.79 2.07
CA ARG B 80 11.35 18.05 1.82
C ARG B 80 11.41 16.65 2.43
N LEU B 81 12.54 15.97 2.24
CA LEU B 81 12.66 14.61 2.77
C LEU B 81 12.61 14.62 4.28
N LYS B 82 13.23 15.63 4.88
CA LYS B 82 13.20 15.77 6.32
C LYS B 82 11.79 16.12 6.82
N TRP B 83 11.06 16.92 6.04
CA TRP B 83 9.67 17.20 6.34
C TRP B 83 8.81 15.94 6.29
N GLY B 84 9.04 15.09 5.29
CA GLY B 84 8.14 13.98 5.02
C GLY B 84 8.36 12.75 5.86
N TYR B 85 9.61 12.37 6.11
CA TYR B 85 9.87 11.11 6.82
C TYR B 85 9.62 11.27 8.31
N LYS B 86 9.09 10.21 8.91
CA LYS B 86 8.80 10.13 10.34
C LYS B 86 9.61 9.01 10.98
N PRO B 87 9.83 9.07 12.30
CA PRO B 87 10.70 8.08 12.93
C PRO B 87 10.07 6.71 13.11
N THR B 88 8.75 6.60 13.02
CA THR B 88 8.08 5.31 13.18
C THR B 88 7.13 5.03 12.02
N HIS B 89 6.89 3.74 11.76
CA HIS B 89 5.92 3.40 10.72
C HIS B 89 4.52 3.82 11.12
N GLU B 90 4.15 3.72 12.40
CA GLU B 90 2.83 4.19 12.82
C GLU B 90 2.60 5.63 12.36
N GLN B 91 3.58 6.50 12.61
CA GLN B 91 3.44 7.91 12.24
C GLN B 91 3.44 8.09 10.73
N GLN B 92 4.30 7.36 10.04
CA GLN B 92 4.41 7.51 8.58
C GLN B 92 3.10 7.15 7.91
N LEU B 93 2.53 6.01 8.31
CA LEU B 93 1.25 5.58 7.75
C LEU B 93 0.14 6.56 8.09
N ALA B 94 0.08 7.03 9.36
CA ALA B 94 -0.97 7.96 9.74
C ALA B 94 -0.92 9.24 8.90
N GLN B 95 0.29 9.70 8.61
CA GLN B 95 0.45 10.88 7.76
C GLN B 95 -0.17 10.66 6.37
N LEU B 96 0.04 9.47 5.81
CA LEU B 96 -0.48 9.18 4.47
C LEU B 96 -1.99 9.05 4.49
N VAL B 97 -2.52 8.30 5.45
CA VAL B 97 -3.97 8.11 5.51
C VAL B 97 -4.67 9.45 5.74
N THR B 98 -4.11 10.28 6.62
CA THR B 98 -4.68 11.61 6.86
C THR B 98 -4.64 12.46 5.60
N PHE B 99 -3.52 12.39 4.86
CA PHE B 99 -3.42 13.15 3.62
C PHE B 99 -4.45 12.67 2.60
N ALA B 100 -4.58 11.35 2.44
CA ALA B 100 -5.58 10.81 1.54
C ALA B 100 -6.98 11.29 1.89
N GLN B 101 -7.34 11.27 3.20
CA GLN B 101 -8.66 11.74 3.56
C GLN B 101 -8.84 13.22 3.21
N SER B 102 -7.77 14.01 3.33
CA SER B 102 -7.88 15.44 3.04
C SER B 102 -8.20 15.67 1.57
N LEU B 103 -7.71 14.81 0.68
CA LEU B 103 -8.02 14.96 -0.73
C LEU B 103 -9.50 14.75 -1.02
N LYS B 104 -10.17 13.91 -0.23
CA LYS B 104 -11.58 13.66 -0.45
C LYS B 104 -12.45 14.85 -0.06
N GLY B 105 -11.89 15.86 0.58
CA GLY B 105 -12.64 17.07 0.86
C GLY B 105 -12.31 18.20 -0.10
N MET B 106 -11.73 17.87 -1.26
CA MET B 106 -11.35 18.88 -2.24
C MET B 106 -12.15 18.73 -3.52
N GLU B 107 -12.08 19.75 -4.37
CA GLU B 107 -12.64 19.62 -5.70
C GLU B 107 -11.82 18.59 -6.49
N MET B 108 -12.43 18.05 -7.55
CA MET B 108 -11.69 17.11 -8.39
C MET B 108 -10.44 17.76 -8.95
N ALA B 109 -10.58 18.98 -9.48
CA ALA B 109 -9.44 19.71 -10.00
C ALA B 109 -9.74 21.20 -9.93
N GLU B 110 -8.68 21.98 -9.85
CA GLU B 110 -8.80 23.43 -9.95
C GLU B 110 -9.24 23.82 -11.35
N GLU B 111 -10.23 24.71 -11.45
CA GLU B 111 -10.61 25.22 -12.77
C GLU B 111 -9.65 26.33 -13.18
N VAL B 112 -9.10 26.20 -14.37
CA VAL B 112 -8.03 27.07 -14.85
C VAL B 112 -8.63 28.37 -15.38
N ASP B 113 -8.04 29.49 -14.97
CA ASP B 113 -8.56 30.83 -15.20
C ASP B 113 -8.21 31.33 -16.61
N THR B 114 -8.68 32.52 -16.95
CA THR B 114 -8.31 33.13 -18.23
C THR B 114 -6.87 33.60 -18.24
N LEU B 115 -6.47 34.37 -17.22
CA LEU B 115 -5.15 35.03 -17.21
C LEU B 115 -4.02 34.03 -17.38
N ASP B 116 -4.15 32.85 -16.78
CA ASP B 116 -3.03 31.93 -16.60
C ASP B 116 -2.82 31.00 -17.79
N ALA B 117 -3.47 31.26 -18.93
CA ALA B 117 -3.28 30.41 -20.10
C ALA B 117 -1.81 30.34 -20.51
N GLU B 118 -1.05 31.40 -20.24
CA GLU B 118 0.37 31.43 -20.58
C GLU B 118 1.15 30.34 -19.88
N LEU B 119 0.70 29.89 -18.71
CA LEU B 119 1.44 28.88 -17.97
C LEU B 119 1.13 27.46 -18.42
N TYR B 120 0.17 27.28 -19.33
CA TYR B 120 -0.24 25.97 -19.82
C TYR B 120 -0.11 25.82 -21.32
N GLU B 121 -0.26 26.89 -22.09
CA GLU B 121 -0.04 26.85 -23.53
C GLU B 121 1.47 26.80 -23.81
N ILE B 122 1.91 25.77 -24.53
CA ILE B 122 3.32 25.62 -24.89
C ILE B 122 3.39 25.59 -26.41
N PRO B 123 4.19 26.44 -27.05
CA PRO B 123 4.21 26.47 -28.51
C PRO B 123 4.76 25.16 -29.07
N LEU B 124 4.04 24.61 -30.03
CA LEU B 124 4.43 23.37 -30.68
C LEU B 124 5.85 23.34 -31.24
N PRO B 125 6.34 24.37 -31.94
CA PRO B 125 7.73 24.30 -32.42
C PRO B 125 8.74 24.14 -31.30
N PHE B 126 8.44 24.66 -30.11
CA PHE B 126 9.31 24.44 -28.96
C PHE B 126 9.27 22.98 -28.51
N LEU B 127 8.07 22.38 -28.47
CA LEU B 127 7.96 20.99 -28.08
C LEU B 127 8.67 20.07 -29.07
N HIS B 128 8.62 20.41 -30.37
CA HIS B 128 9.35 19.61 -31.34
C HIS B 128 10.84 19.62 -31.08
N ILE B 129 11.36 20.69 -30.48
CA ILE B 129 12.78 20.76 -30.15
C ILE B 129 13.08 19.98 -28.88
N MET B 130 12.30 20.25 -27.82
CA MET B 130 12.66 19.77 -26.49
C MET B 130 12.32 18.30 -26.31
N CYS B 131 11.11 17.92 -26.71
CA CYS B 131 10.62 16.55 -26.54
C CYS B 131 11.11 15.66 -27.69
N GLY B 132 10.88 14.36 -27.54
CA GLY B 132 11.21 13.42 -28.57
C GLY B 132 10.22 13.46 -29.73
N LYS B 133 10.44 12.54 -30.66
CA LYS B 133 9.70 12.55 -31.91
C LYS B 133 8.19 12.37 -31.72
N THR B 134 7.73 11.75 -30.63
CA THR B 134 6.30 11.58 -30.40
C THR B 134 5.72 12.69 -29.52
N LEU B 135 6.53 13.64 -29.07
CA LEU B 135 6.10 14.75 -28.22
C LEU B 135 5.52 14.25 -26.91
N LYS B 136 6.12 13.17 -26.38
CA LYS B 136 5.65 12.62 -25.10
C LYS B 136 5.96 13.62 -23.99
N PHE B 137 4.93 14.08 -23.29
CA PHE B 137 5.11 15.04 -22.20
C PHE B 137 4.96 14.32 -20.86
N SER B 138 5.81 13.33 -20.70
CA SER B 138 5.83 12.37 -19.60
C SER B 138 7.07 11.49 -19.80
N PRO B 139 7.52 10.79 -18.77
CA PRO B 139 8.86 10.17 -18.83
C PRO B 139 8.95 9.02 -19.82
N GLY B 140 10.17 8.83 -20.32
CA GLY B 140 10.51 7.68 -21.13
C GLY B 140 11.17 6.61 -20.29
N TYR B 141 11.42 5.47 -20.92
CA TYR B 141 12.08 4.33 -20.26
C TYR B 141 13.47 4.18 -20.84
N PHE B 142 14.48 4.26 -19.99
CA PHE B 142 15.87 4.18 -20.44
C PHE B 142 16.45 2.81 -20.10
N LYS B 143 16.72 2.01 -21.14
CA LYS B 143 17.34 0.70 -20.92
C LYS B 143 18.75 0.84 -20.36
N ASP B 144 19.47 1.88 -20.79
CA ASP B 144 20.72 2.29 -20.18
C ASP B 144 20.87 3.78 -20.42
N GLU B 145 21.94 4.36 -19.87
CA GLU B 145 22.10 5.81 -20.03
C GLU B 145 22.46 6.22 -21.46
N SER B 146 22.59 5.26 -22.38
CA SER B 146 22.82 5.55 -23.80
C SER B 146 21.54 5.47 -24.64
N THR B 147 20.46 4.93 -24.10
CA THR B 147 19.15 5.03 -24.75
C THR B 147 18.87 6.47 -25.11
N THR B 148 18.48 6.71 -26.37
CA THR B 148 18.15 8.06 -26.82
C THR B 148 16.77 8.47 -26.31
N LEU B 149 16.52 9.78 -26.34
CA LEU B 149 15.21 10.29 -25.95
C LEU B 149 14.11 9.67 -26.81
N ASP B 150 14.33 9.57 -28.13
CA ASP B 150 13.32 9.00 -29.02
C ASP B 150 13.05 7.54 -28.67
N GLU B 151 14.11 6.78 -28.40
CA GLU B 151 13.93 5.39 -28.04
C GLU B 151 13.19 5.25 -26.72
N SER B 152 13.53 6.11 -25.75
CA SER B 152 12.88 6.01 -24.44
C SER B 152 11.37 6.21 -24.53
N GLU B 153 10.90 7.09 -25.43
CA GLU B 153 9.47 7.32 -25.57
C GLU B 153 8.76 6.06 -26.05
N VAL B 154 9.32 5.39 -27.05
CA VAL B 154 8.72 4.20 -27.61
C VAL B 154 8.81 3.03 -26.62
N TYR B 155 9.96 2.86 -25.97
CA TYR B 155 10.09 1.82 -24.95
C TYR B 155 9.00 1.98 -23.89
N MET B 156 8.79 3.21 -23.40
CA MET B 156 7.81 3.43 -22.35
C MET B 156 6.40 3.17 -22.86
N MET B 157 6.08 3.62 -24.08
CA MET B 157 4.72 3.39 -24.56
C MET B 157 4.47 1.91 -24.87
N ASP B 158 5.48 1.17 -25.32
CA ASP B 158 5.26 -0.26 -25.47
C ASP B 158 5.05 -0.95 -24.12
N LEU B 159 5.73 -0.44 -23.08
CA LEU B 159 5.53 -0.95 -21.71
C LEU B 159 4.11 -0.66 -21.23
N TYR B 160 3.60 0.54 -21.48
CA TYR B 160 2.18 0.82 -21.22
C TYR B 160 1.27 -0.18 -21.94
N CYS B 161 1.56 -0.49 -23.21
CA CYS B 161 0.67 -1.39 -23.94
C CYS B 161 0.73 -2.80 -23.37
N GLU B 162 1.92 -3.26 -22.98
CA GLU B 162 2.06 -4.55 -22.32
C GLU B 162 1.31 -4.59 -21.00
N ARG B 163 1.56 -3.58 -20.16
CA ARG B 163 1.01 -3.63 -18.80
C ARG B 163 -0.49 -3.37 -18.78
N ALA B 164 -1.00 -2.60 -19.73
CA ALA B 164 -2.45 -2.40 -19.86
C ALA B 164 -3.13 -3.51 -20.63
N GLN B 165 -2.38 -4.52 -21.06
CA GLN B 165 -2.94 -5.69 -21.74
C GLN B 165 -3.79 -5.29 -22.95
N ILE B 166 -3.23 -4.43 -23.78
CA ILE B 166 -3.93 -3.99 -24.97
C ILE B 166 -4.01 -5.14 -25.96
N LYS B 167 -5.20 -5.34 -26.52
CA LYS B 167 -5.42 -6.37 -27.54
C LYS B 167 -6.03 -5.70 -28.76
N ASP B 168 -5.55 -6.07 -29.95
CA ASP B 168 -6.07 -5.46 -31.16
C ASP B 168 -7.58 -5.63 -31.24
N GLY B 169 -8.28 -4.56 -31.60
CA GLY B 169 -9.72 -4.56 -31.70
C GLY B 169 -10.42 -3.90 -30.53
N GLN B 170 -9.72 -3.69 -29.43
CA GLN B 170 -10.32 -3.04 -28.26
C GLN B 170 -10.62 -1.57 -28.53
N SER B 171 -11.62 -1.03 -27.82
CA SER B 171 -11.85 0.40 -27.77
C SER B 171 -10.94 0.98 -26.70
N ILE B 172 -10.26 2.07 -27.03
CA ILE B 172 -9.19 2.64 -26.19
C ILE B 172 -9.55 4.09 -25.92
N LEU B 173 -9.46 4.52 -24.66
CA LEU B 173 -9.66 5.92 -24.30
C LEU B 173 -8.39 6.49 -23.68
N ASP B 174 -7.90 7.62 -24.20
CA ASP B 174 -6.64 8.20 -23.74
C ASP B 174 -6.98 9.56 -23.11
N LEU B 175 -7.06 9.61 -21.78
CA LEU B 175 -7.49 10.81 -21.07
C LEU B 175 -6.34 11.79 -20.87
N GLY B 176 -6.53 13.03 -21.31
CA GLY B 176 -5.45 13.99 -21.29
C GLY B 176 -4.41 13.56 -22.29
N CYS B 177 -4.80 13.46 -23.57
CA CYS B 177 -3.93 12.82 -24.54
C CYS B 177 -2.74 13.67 -24.96
N GLY B 178 -2.68 14.94 -24.56
CA GLY B 178 -1.56 15.76 -24.99
C GLY B 178 -1.51 15.87 -26.50
N HIS B 179 -0.31 15.92 -27.04
CA HIS B 179 -0.12 15.94 -28.49
C HIS B 179 -0.13 14.56 -29.08
N GLY B 180 -0.69 13.59 -28.35
CA GLY B 180 -1.08 12.33 -28.95
C GLY B 180 -0.03 11.25 -28.98
N SER B 181 1.04 11.36 -28.19
CA SER B 181 2.10 10.35 -28.22
C SER B 181 1.53 8.94 -28.11
N LEU B 182 0.75 8.69 -27.06
CA LEU B 182 0.21 7.33 -26.88
C LEU B 182 -0.97 7.07 -27.81
N THR B 183 -1.80 8.08 -28.06
CA THR B 183 -2.96 7.89 -28.92
C THR B 183 -2.54 7.42 -30.31
N LEU B 184 -1.53 8.09 -30.88
CA LEU B 184 -1.05 7.74 -32.22
C LEU B 184 -0.20 6.48 -32.20
N HIS B 185 0.53 6.24 -31.10
CA HIS B 185 1.30 5.00 -30.97
C HIS B 185 0.39 3.78 -31.00
N VAL B 186 -0.68 3.81 -30.22
CA VAL B 186 -1.61 2.68 -30.15
C VAL B 186 -2.36 2.55 -31.47
N ALA B 187 -2.79 3.68 -32.03
CA ALA B 187 -3.61 3.62 -33.24
C ALA B 187 -2.82 2.98 -34.37
N GLN B 188 -1.52 3.26 -34.44
CA GLN B 188 -0.69 2.70 -35.51
C GLN B 188 -0.26 1.27 -35.22
N LYS B 189 -0.06 0.94 -33.95
CA LYS B 189 0.35 -0.42 -33.58
C LYS B 189 -0.80 -1.42 -33.64
N TYR B 190 -2.03 -0.97 -33.36
CA TYR B 190 -3.21 -1.84 -33.25
C TYR B 190 -4.28 -1.25 -34.17
N ARG B 191 -4.20 -1.56 -35.46
CA ARG B 191 -5.08 -0.88 -36.40
C ARG B 191 -6.53 -1.33 -36.28
N GLY B 192 -6.79 -2.43 -35.58
CA GLY B 192 -8.16 -2.82 -35.35
C GLY B 192 -8.79 -2.11 -34.18
N CYS B 193 -8.00 -1.42 -33.37
CA CYS B 193 -8.52 -0.65 -32.24
C CYS B 193 -9.13 0.65 -32.73
N LYS B 194 -10.15 1.14 -32.01
CA LYS B 194 -10.62 2.50 -32.15
C LYS B 194 -10.08 3.28 -30.97
N VAL B 195 -9.31 4.34 -31.22
CA VAL B 195 -8.66 5.10 -30.16
C VAL B 195 -9.34 6.45 -30.05
N THR B 196 -9.80 6.77 -28.86
CA THR B 196 -10.37 8.07 -28.57
C THR B 196 -9.45 8.77 -27.59
N GLY B 197 -9.09 10.01 -27.90
CA GLY B 197 -8.31 10.86 -27.01
C GLY B 197 -9.15 12.03 -26.53
N ILE B 198 -8.96 12.42 -25.27
CA ILE B 198 -9.63 13.61 -24.72
C ILE B 198 -8.58 14.62 -24.30
N THR B 199 -8.70 15.84 -24.80
CA THR B 199 -7.89 16.95 -24.32
C THR B 199 -8.78 18.18 -24.28
N ASN B 200 -8.40 19.12 -23.43
CA ASN B 200 -9.07 20.42 -23.40
C ASN B 200 -8.33 21.47 -24.22
N SER B 201 -7.31 21.07 -24.98
CA SER B 201 -6.48 22.00 -25.73
C SER B 201 -6.83 21.98 -27.22
N VAL B 202 -7.23 23.12 -27.76
CA VAL B 202 -7.51 23.18 -29.20
C VAL B 202 -6.26 22.90 -30.02
N SER B 203 -5.12 23.44 -29.61
CA SER B 203 -3.89 23.25 -30.38
C SER B 203 -3.42 21.81 -30.35
N GLN B 204 -3.60 21.13 -29.22
CA GLN B 204 -3.32 19.71 -29.17
C GLN B 204 -4.23 18.94 -30.11
N LYS B 205 -5.54 19.20 -30.05
CA LYS B 205 -6.44 18.47 -30.93
C LYS B 205 -6.09 18.71 -32.40
N GLU B 206 -5.76 19.96 -32.74
CA GLU B 206 -5.45 20.26 -34.13
C GLU B 206 -4.22 19.51 -34.59
N PHE B 207 -3.17 19.46 -33.75
CA PHE B 207 -1.97 18.73 -34.12
C PHE B 207 -2.26 17.25 -34.34
N ILE B 208 -2.99 16.61 -33.42
CA ILE B 208 -3.27 15.19 -33.60
C ILE B 208 -4.04 14.94 -34.89
N MET B 209 -5.08 15.75 -35.16
CA MET B 209 -5.88 15.51 -36.35
C MET B 209 -5.07 15.75 -37.63
N ASP B 210 -4.12 16.68 -37.58
CA ASP B 210 -3.18 16.87 -38.69
C ASP B 210 -2.31 15.63 -38.88
N GLN B 211 -1.87 15.02 -37.78
CA GLN B 211 -1.06 13.81 -37.88
C GLN B 211 -1.87 12.64 -38.45
N CYS B 212 -3.14 12.54 -38.06
CA CYS B 212 -3.99 11.49 -38.62
C CYS B 212 -4.13 11.65 -40.13
N LYS B 213 -4.23 12.89 -40.61
CA LYS B 213 -4.28 13.10 -42.06
C LYS B 213 -2.96 12.71 -42.71
N LYS B 214 -1.85 13.20 -42.18
CA LYS B 214 -0.55 12.87 -42.74
C LYS B 214 -0.30 11.37 -42.72
N LEU B 215 -0.65 10.70 -41.63
CA LEU B 215 -0.36 9.28 -41.47
C LEU B 215 -1.46 8.37 -42.03
N ASP B 216 -2.53 8.91 -42.60
CA ASP B 216 -3.66 8.13 -43.11
C ASP B 216 -4.26 7.23 -42.02
N LEU B 217 -4.42 7.79 -40.82
CA LEU B 217 -5.01 7.05 -39.70
C LEU B 217 -6.51 7.32 -39.64
N SER B 218 -7.30 6.26 -39.76
CA SER B 218 -8.75 6.38 -39.75
C SER B 218 -9.37 5.89 -38.46
N ASN B 219 -8.58 5.49 -37.47
CA ASN B 219 -9.08 4.88 -36.25
C ASN B 219 -8.85 5.75 -35.02
N VAL B 220 -8.80 7.07 -35.20
CA VAL B 220 -8.56 8.02 -34.11
C VAL B 220 -9.68 9.05 -34.08
N GLU B 221 -10.19 9.32 -32.88
CA GLU B 221 -11.11 10.41 -32.65
C GLU B 221 -10.59 11.22 -31.47
N ILE B 222 -10.57 12.55 -31.58
CA ILE B 222 -10.18 13.41 -30.47
C ILE B 222 -11.39 14.24 -30.06
N ILE B 223 -11.72 14.19 -28.78
CA ILE B 223 -12.82 14.96 -28.21
C ILE B 223 -12.22 16.13 -27.45
N LEU B 224 -12.68 17.33 -27.78
CA LEU B 224 -12.21 18.54 -27.10
C LEU B 224 -13.13 18.81 -25.93
N GLU B 225 -12.71 18.40 -24.73
CA GLU B 225 -13.55 18.54 -23.54
C GLU B 225 -12.68 18.62 -22.29
N ASP B 226 -13.26 19.23 -21.26
CA ASP B 226 -12.72 19.19 -19.90
C ASP B 226 -13.06 17.83 -19.30
N VAL B 227 -12.05 16.99 -19.07
CA VAL B 227 -12.30 15.64 -18.58
C VAL B 227 -13.06 15.67 -17.26
N THR B 228 -12.85 16.71 -16.44
CA THR B 228 -13.48 16.74 -15.12
C THR B 228 -14.97 17.00 -15.20
N LYS B 229 -15.47 17.46 -16.35
CA LYS B 229 -16.89 17.71 -16.56
C LYS B 229 -17.49 16.78 -17.59
N PHE B 230 -16.68 15.93 -18.21
CA PHE B 230 -17.14 15.14 -19.34
C PHE B 230 -18.15 14.09 -18.90
N GLU B 231 -19.19 13.92 -19.72
CA GLU B 231 -20.20 12.89 -19.51
C GLU B 231 -20.46 12.18 -20.82
N THR B 232 -20.57 10.86 -20.76
CA THR B 232 -20.80 10.06 -21.96
C THR B 232 -21.45 8.75 -21.55
N GLU B 233 -22.17 8.17 -22.49
CA GLU B 233 -22.74 6.84 -22.32
C GLU B 233 -21.89 5.76 -22.96
N ILE B 234 -20.81 6.14 -23.61
CA ILE B 234 -19.91 5.17 -24.24
C ILE B 234 -19.02 4.56 -23.16
N THR B 235 -18.72 3.27 -23.28
CA THR B 235 -17.73 2.61 -22.43
C THR B 235 -16.58 2.09 -23.29
N TYR B 236 -15.44 1.88 -22.63
CA TYR B 236 -14.18 1.60 -23.33
C TYR B 236 -13.49 0.40 -22.69
N ASP B 237 -12.93 -0.48 -23.52
CA ASP B 237 -12.23 -1.66 -22.99
C ASP B 237 -10.98 -1.27 -22.20
N ARG B 238 -10.29 -0.21 -22.62
CA ARG B 238 -9.04 0.21 -22.01
C ARG B 238 -9.03 1.73 -21.90
N ILE B 239 -8.68 2.23 -20.72
CA ILE B 239 -8.54 3.65 -20.48
C ILE B 239 -7.13 3.93 -19.97
N PHE B 240 -6.48 4.92 -20.57
CA PHE B 240 -5.16 5.37 -20.11
C PHE B 240 -5.29 6.74 -19.46
N ALA B 241 -4.60 6.91 -18.33
CA ALA B 241 -4.44 8.23 -17.71
C ALA B 241 -2.96 8.36 -17.34
N VAL B 242 -2.17 8.89 -18.26
CA VAL B 242 -0.74 9.03 -18.09
C VAL B 242 -0.42 10.50 -17.81
N ALA B 243 0.11 10.76 -16.62
CA ALA B 243 0.48 12.12 -16.22
C ALA B 243 -0.72 13.05 -16.21
N LEU B 244 -1.90 12.51 -15.93
CA LEU B 244 -3.10 13.31 -15.76
C LEU B 244 -3.46 13.55 -14.30
N ILE B 245 -3.26 12.55 -13.43
CA ILE B 245 -3.70 12.77 -12.05
C ILE B 245 -2.85 13.83 -11.37
N GLU B 246 -1.67 14.17 -11.91
CA GLU B 246 -0.92 15.30 -11.35
C GLU B 246 -1.65 16.63 -11.47
N HIS B 247 -2.74 16.69 -12.25
CA HIS B 247 -3.60 17.86 -12.33
C HIS B 247 -4.79 17.78 -11.39
N MET B 248 -5.00 16.64 -10.74
CA MET B 248 -6.17 16.35 -9.94
C MET B 248 -5.84 16.52 -8.47
N LYS B 249 -6.88 16.77 -7.70
CA LYS B 249 -6.76 16.81 -6.24
C LYS B 249 -7.61 15.72 -5.61
N ASN B 250 -8.93 15.77 -5.76
CA ASN B 250 -9.77 14.72 -5.19
C ASN B 250 -9.76 13.51 -6.11
N TYR B 251 -8.82 12.59 -5.84
CA TYR B 251 -8.71 11.35 -6.63
C TYR B 251 -9.97 10.50 -6.56
N GLU B 252 -10.72 10.58 -5.45
CA GLU B 252 -11.92 9.78 -5.31
C GLU B 252 -12.97 10.19 -6.34
N LEU B 253 -13.19 11.50 -6.51
CA LEU B 253 -14.12 11.96 -7.54
C LEU B 253 -13.61 11.62 -8.93
N PHE B 254 -12.30 11.74 -9.14
CA PHE B 254 -11.73 11.49 -10.46
C PHE B 254 -11.91 10.02 -10.86
N LEU B 255 -11.54 9.10 -9.97
CA LEU B 255 -11.69 7.69 -10.27
C LEU B 255 -13.15 7.28 -10.31
N LYS B 256 -14.01 7.92 -9.51
CA LYS B 256 -15.43 7.61 -9.56
C LYS B 256 -16.01 7.91 -10.94
N LYS B 257 -15.65 9.07 -11.50
CA LYS B 257 -16.15 9.44 -12.83
C LYS B 257 -15.58 8.50 -13.90
N VAL B 258 -14.27 8.27 -13.88
CA VAL B 258 -13.63 7.44 -14.92
C VAL B 258 -14.15 6.02 -14.86
N SER B 259 -14.46 5.52 -13.65
CA SER B 259 -14.90 4.14 -13.54
C SER B 259 -16.17 3.85 -14.34
N THR B 260 -17.04 4.85 -14.47
CA THR B 260 -18.27 4.64 -15.23
C THR B 260 -17.99 4.45 -16.71
N TRP B 261 -16.82 4.88 -17.19
CA TRP B 261 -16.47 4.74 -18.60
C TRP B 261 -15.82 3.39 -18.93
N ILE B 262 -15.54 2.56 -17.94
CA ILE B 262 -14.86 1.28 -18.17
C ILE B 262 -15.90 0.26 -18.61
N ALA B 263 -15.67 -0.36 -19.77
CA ALA B 263 -16.57 -1.40 -20.26
C ALA B 263 -16.49 -2.65 -19.36
N GLN B 264 -17.42 -3.58 -19.61
CA GLN B 264 -17.38 -4.88 -18.95
C GLN B 264 -16.01 -5.52 -19.12
N ASP B 265 -15.39 -5.86 -17.99
CA ASP B 265 -14.08 -6.51 -17.91
C ASP B 265 -12.97 -5.65 -18.49
N GLY B 266 -13.18 -4.33 -18.56
CA GLY B 266 -12.14 -3.43 -19.02
C GLY B 266 -11.16 -3.07 -17.93
N LEU B 267 -10.16 -2.29 -18.32
CA LEU B 267 -9.04 -1.96 -17.45
C LEU B 267 -8.69 -0.49 -17.60
N LEU B 268 -8.27 0.10 -16.50
CA LEU B 268 -7.76 1.48 -16.45
C LEU B 268 -6.30 1.46 -16.02
N PHE B 269 -5.45 2.16 -16.76
CA PHE B 269 -4.02 2.21 -16.50
C PHE B 269 -3.63 3.64 -16.18
N VAL B 270 -3.09 3.85 -14.97
CA VAL B 270 -2.74 5.17 -14.48
C VAL B 270 -1.24 5.22 -14.26
N GLU B 271 -0.58 6.28 -14.76
CA GLU B 271 0.82 6.50 -14.40
C GLU B 271 0.91 7.84 -13.69
N HIS B 272 1.56 7.87 -12.53
CA HIS B 272 1.74 9.12 -11.82
C HIS B 272 3.15 9.20 -11.25
N HIS B 273 3.74 10.38 -11.31
CA HIS B 273 4.99 10.54 -10.60
C HIS B 273 4.69 10.76 -9.13
N CYS B 274 5.67 10.47 -8.28
CA CYS B 274 5.37 10.33 -6.86
C CYS B 274 6.64 10.35 -6.04
N HIS B 275 6.49 10.59 -4.73
CA HIS B 275 7.49 10.13 -3.79
C HIS B 275 7.15 8.70 -3.35
N LYS B 276 8.21 7.92 -3.09
CA LYS B 276 8.07 6.53 -2.71
C LYS B 276 7.16 6.34 -1.51
N VAL B 277 7.21 7.27 -0.55
CA VAL B 277 6.69 7.04 0.79
C VAL B 277 5.57 8.00 1.16
N PHE B 278 5.79 9.32 0.99
CA PHE B 278 4.82 10.28 1.49
C PHE B 278 4.32 11.19 0.38
N ALA B 279 3.16 11.79 0.62
CA ALA B 279 2.48 12.69 -0.30
C ALA B 279 2.45 14.10 0.27
N TYR B 280 2.30 15.10 -0.60
CA TYR B 280 2.27 16.46 -0.08
C TYR B 280 1.71 17.41 -1.13
N GLN B 281 1.18 18.53 -0.63
CA GLN B 281 0.84 19.66 -1.48
C GLN B 281 2.05 20.56 -1.65
N TYR B 282 2.15 21.21 -2.81
CA TYR B 282 3.27 22.10 -3.08
C TYR B 282 3.03 23.41 -2.33
N GLU B 283 3.30 23.37 -1.06
CA GLU B 283 3.35 24.50 -0.16
C GLU B 283 4.81 24.82 0.15
N PRO B 284 5.21 26.09 0.21
CA PRO B 284 6.60 26.39 0.53
C PRO B 284 6.95 25.86 1.92
N LEU B 285 8.19 25.37 2.05
CA LEU B 285 8.62 24.73 3.30
C LEU B 285 9.01 25.74 4.36
N ASP B 286 9.55 26.88 3.95
CA ASP B 286 9.83 27.99 4.85
C ASP B 286 9.97 29.25 4.01
N GLU B 287 10.45 30.32 4.62
CA GLU B 287 10.57 31.59 3.90
C GLU B 287 11.78 31.63 2.95
N ASP B 288 12.61 30.59 2.94
CA ASP B 288 13.70 30.47 1.99
C ASP B 288 13.39 29.47 0.87
N ASP B 289 12.13 29.14 0.67
CA ASP B 289 11.74 28.22 -0.41
C ASP B 289 11.38 29.04 -1.63
N TRP B 290 12.28 29.08 -2.61
CA TRP B 290 11.99 29.72 -3.88
C TRP B 290 11.42 28.75 -4.89
N TYR B 291 11.76 27.47 -4.76
CA TYR B 291 11.39 26.46 -5.75
C TYR B 291 9.88 26.39 -5.93
N THR B 292 9.13 26.25 -4.82
CA THR B 292 7.69 26.08 -4.92
C THR B 292 7.03 27.28 -5.58
N GLU B 293 7.44 28.49 -5.17
CA GLU B 293 6.91 29.69 -5.79
C GLU B 293 7.33 29.80 -7.25
N TYR B 294 8.52 29.34 -7.59
CA TYR B 294 9.04 29.58 -8.94
C TYR B 294 8.50 28.58 -9.95
N ILE B 295 8.35 27.32 -9.54
CA ILE B 295 7.99 26.26 -10.48
C ILE B 295 6.49 26.14 -10.65
N PHE B 296 5.71 26.37 -9.58
CA PHE B 296 4.30 26.01 -9.64
C PHE B 296 3.40 27.23 -9.78
N PRO B 297 2.27 27.09 -10.48
CA PRO B 297 1.32 28.19 -10.59
C PRO B 297 0.49 28.30 -9.32
N SER B 298 -0.21 29.42 -9.20
CA SER B 298 -1.13 29.58 -8.08
C SER B 298 -2.27 28.58 -8.21
N GLY B 299 -2.93 28.31 -7.09
CA GLY B 299 -3.72 27.10 -7.03
C GLY B 299 -2.77 25.96 -6.72
N THR B 300 -3.14 25.11 -5.78
CA THR B 300 -2.19 24.16 -5.21
C THR B 300 -2.32 22.80 -5.89
N LEU B 301 -1.18 22.18 -6.13
CA LEU B 301 -1.11 20.85 -6.72
C LEU B 301 -0.54 19.88 -5.70
N VAL B 302 -0.58 18.59 -6.05
CA VAL B 302 -0.29 17.50 -5.13
C VAL B 302 0.82 16.63 -5.70
N MET B 303 1.85 16.37 -4.87
CA MET B 303 2.80 15.29 -5.16
C MET B 303 2.26 14.01 -4.53
N SER B 304 1.88 13.04 -5.36
CA SER B 304 1.32 11.82 -4.81
C SER B 304 2.42 10.94 -4.19
N SER B 305 2.01 9.92 -3.44
CA SER B 305 2.95 8.89 -3.02
C SER B 305 2.68 7.60 -3.80
N SER B 306 3.67 6.71 -3.81
CA SER B 306 3.55 5.51 -4.64
C SER B 306 2.38 4.63 -4.25
N SER B 307 1.99 4.63 -2.97
CA SER B 307 0.87 3.78 -2.58
C SER B 307 -0.44 4.53 -2.42
N ILE B 308 -0.49 5.84 -2.73
CA ILE B 308 -1.68 6.59 -2.35
C ILE B 308 -2.93 6.12 -3.08
N LEU B 309 -2.84 5.65 -4.34
CA LEU B 309 -4.06 5.24 -5.01
C LEU B 309 -4.63 3.94 -4.46
N LEU B 310 -3.84 3.20 -3.69
CA LEU B 310 -4.39 2.03 -3.02
C LEU B 310 -5.50 2.38 -2.05
N TYR B 311 -5.55 3.63 -1.57
CA TYR B 311 -6.60 4.09 -0.67
C TYR B 311 -7.79 4.66 -1.41
N PHE B 312 -7.84 4.52 -2.73
CA PHE B 312 -8.94 5.08 -3.52
C PHE B 312 -9.58 4.00 -4.37
N GLN B 313 -10.00 2.92 -3.73
CA GLN B 313 -10.55 1.77 -4.44
C GLN B 313 -12.04 1.59 -4.17
N GLU B 314 -12.78 2.69 -4.04
CA GLU B 314 -14.21 2.56 -3.88
C GLU B 314 -14.91 2.11 -5.16
N ASP B 315 -14.41 2.53 -6.34
CA ASP B 315 -15.09 2.31 -7.61
C ASP B 315 -14.27 1.51 -8.63
N VAL B 316 -12.98 1.32 -8.37
CA VAL B 316 -12.08 0.51 -9.16
C VAL B 316 -11.29 -0.35 -8.18
N SER B 317 -10.72 -1.44 -8.69
CA SER B 317 -9.91 -2.31 -7.85
C SER B 317 -8.55 -2.50 -8.49
N VAL B 318 -7.50 -2.45 -7.66
CA VAL B 318 -6.16 -2.60 -8.18
C VAL B 318 -5.91 -4.04 -8.61
N VAL B 319 -5.49 -4.21 -9.86
CA VAL B 319 -5.10 -5.48 -10.49
C VAL B 319 -3.59 -5.68 -10.42
N ASN B 320 -2.84 -4.59 -10.65
CA ASN B 320 -1.39 -4.68 -10.61
C ASN B 320 -0.86 -3.29 -10.27
N HIS B 321 0.40 -3.23 -9.87
CA HIS B 321 0.99 -2.01 -9.35
C HIS B 321 2.48 -2.16 -9.51
N TRP B 322 3.12 -1.21 -10.19
CA TRP B 322 4.56 -1.25 -10.43
C TRP B 322 5.14 0.11 -10.09
N THR B 323 6.45 0.14 -9.82
CA THR B 323 7.15 1.43 -9.86
C THR B 323 8.38 1.32 -10.75
N LEU B 324 8.83 2.48 -11.24
CA LEU B 324 10.08 2.61 -12.00
C LEU B 324 10.89 3.71 -11.33
N SER B 325 12.21 3.54 -11.25
CA SER B 325 12.97 4.44 -10.38
C SER B 325 13.06 5.83 -11.01
N GLY B 326 13.43 6.80 -10.17
CA GLY B 326 13.60 8.18 -10.63
C GLY B 326 14.71 8.37 -11.66
N LYS B 327 15.60 7.39 -11.83
CA LYS B 327 16.60 7.49 -12.90
C LYS B 327 15.97 7.71 -14.27
N HIS B 328 14.79 7.13 -14.53
CA HIS B 328 14.18 7.30 -15.83
C HIS B 328 13.77 8.75 -16.08
N PRO B 329 12.93 9.38 -15.25
CA PRO B 329 12.63 10.80 -15.49
C PRO B 329 13.85 11.70 -15.36
N SER B 330 14.81 11.34 -14.49
CA SER B 330 16.04 12.12 -14.38
C SER B 330 16.77 12.17 -15.73
N LEU B 331 16.95 11.01 -16.34
CA LEU B 331 17.63 10.92 -17.63
C LEU B 331 16.86 11.65 -18.72
N GLY B 332 15.53 11.59 -18.67
CA GLY B 332 14.72 12.28 -19.67
C GLY B 332 14.85 13.80 -19.58
N PHE B 333 14.86 14.33 -18.36
CA PHE B 333 15.02 15.78 -18.18
C PHE B 333 16.39 16.24 -18.63
N LYS B 334 17.42 15.42 -18.43
CA LYS B 334 18.74 15.75 -18.97
C LYS B 334 18.68 15.84 -20.49
N GLN B 335 17.93 14.94 -21.14
CA GLN B 335 17.85 15.00 -22.59
C GLN B 335 17.05 16.22 -23.06
N TRP B 336 15.93 16.51 -22.39
CA TRP B 336 15.20 17.73 -22.68
C TRP B 336 16.11 18.94 -22.60
N LEU B 337 16.92 19.02 -21.54
CA LEU B 337 17.80 20.18 -21.37
C LEU B 337 18.84 20.24 -22.47
N LYS B 338 19.44 19.09 -22.81
CA LYS B 338 20.45 19.05 -23.87
C LYS B 338 19.88 19.56 -25.20
N ARG B 339 18.68 19.11 -25.55
CA ARG B 339 18.06 19.52 -26.81
C ARG B 339 17.70 20.99 -26.80
N LEU B 340 17.21 21.50 -25.66
CA LEU B 340 17.00 22.93 -25.51
C LEU B 340 18.31 23.68 -25.75
N ASP B 341 19.36 23.28 -25.05
CA ASP B 341 20.64 23.98 -25.14
C ASP B 341 21.25 23.89 -26.54
N ASP B 342 21.18 22.71 -27.17
CA ASP B 342 21.76 22.55 -28.50
C ASP B 342 21.05 23.35 -29.57
N ASN B 343 19.84 23.84 -29.28
CA ASN B 343 19.01 24.54 -30.24
C ASN B 343 18.54 25.89 -29.69
N ILE B 344 19.36 26.48 -28.83
CA ILE B 344 18.91 27.62 -28.03
C ILE B 344 18.57 28.82 -28.91
N ASP B 345 19.31 29.03 -30.00
CA ASP B 345 18.97 30.16 -30.85
C ASP B 345 17.60 30.00 -31.49
N GLU B 346 17.28 28.79 -31.97
CA GLU B 346 15.94 28.56 -32.51
C GLU B 346 14.88 28.68 -31.43
N VAL B 347 15.19 28.17 -30.24
CA VAL B 347 14.27 28.32 -29.10
C VAL B 347 14.02 29.79 -28.82
N LYS B 348 15.07 30.62 -28.86
CA LYS B 348 14.88 32.06 -28.69
C LYS B 348 13.97 32.62 -29.79
N GLU B 349 14.16 32.18 -31.04
CA GLU B 349 13.33 32.64 -32.14
C GLU B 349 11.86 32.32 -31.90
N ILE B 350 11.58 31.09 -31.44
CA ILE B 350 10.20 30.65 -31.26
C ILE B 350 9.55 31.42 -30.12
N PHE B 351 10.25 31.54 -29.00
CA PHE B 351 9.70 32.22 -27.84
C PHE B 351 9.60 33.73 -28.07
N GLU B 352 10.50 34.32 -28.85
CA GLU B 352 10.38 35.75 -29.11
C GLU B 352 9.15 36.05 -29.94
N SER B 353 8.88 35.20 -30.94
CA SER B 353 7.65 35.32 -31.72
C SER B 353 6.41 35.12 -30.85
N PHE B 354 6.40 34.07 -30.05
CA PHE B 354 5.18 33.73 -29.32
C PHE B 354 4.93 34.67 -28.15
N TYR B 355 5.97 35.01 -27.39
CA TYR B 355 5.76 35.79 -26.18
C TYR B 355 5.89 37.30 -26.40
N GLY B 356 6.49 37.73 -27.51
CA GLY B 356 6.43 39.12 -27.91
C GLY B 356 7.61 39.99 -27.52
N SER B 357 8.57 39.47 -26.76
CA SER B 357 9.73 40.30 -26.43
C SER B 357 10.92 39.41 -26.11
N LYS B 358 12.12 39.99 -26.18
CA LYS B 358 13.31 39.24 -25.81
C LYS B 358 13.32 38.93 -24.32
N GLU B 359 12.86 39.88 -23.49
CA GLU B 359 12.85 39.67 -22.04
C GLU B 359 11.90 38.54 -21.65
N LYS B 360 10.68 38.56 -22.18
CA LYS B 360 9.72 37.52 -21.79
C LYS B 360 10.15 36.16 -22.33
N ALA B 361 10.70 36.14 -23.55
CA ALA B 361 11.26 34.90 -24.09
C ALA B 361 12.37 34.36 -23.19
N MET B 362 13.24 35.25 -22.70
CA MET B 362 14.31 34.80 -21.82
C MET B 362 13.76 34.24 -20.52
N LYS B 363 12.72 34.89 -19.97
CA LYS B 363 12.08 34.41 -18.75
C LYS B 363 11.55 32.98 -18.92
N PHE B 364 10.89 32.70 -20.04
CA PHE B 364 10.32 31.37 -20.25
C PHE B 364 11.37 30.34 -20.62
N ILE B 365 12.42 30.75 -21.35
CA ILE B 365 13.56 29.85 -21.59
C ILE B 365 14.23 29.48 -20.28
N THR B 366 14.50 30.49 -19.45
CA THR B 366 15.08 30.22 -18.15
C THR B 366 14.21 29.27 -17.34
N TYR B 367 12.90 29.47 -17.39
CA TYR B 367 12.00 28.60 -16.63
C TYR B 367 12.20 27.15 -17.04
N TRP B 368 12.18 26.88 -18.35
CA TRP B 368 12.28 25.50 -18.79
C TRP B 368 13.63 24.89 -18.45
N ARG B 369 14.71 25.67 -18.55
CA ARG B 369 16.01 25.13 -18.17
C ARG B 369 16.05 24.76 -16.70
N VAL B 370 15.63 25.69 -15.86
CA VAL B 370 15.61 25.44 -14.41
C VAL B 370 14.72 24.25 -14.10
N PHE B 371 13.57 24.18 -14.74
CA PHE B 371 12.67 23.05 -14.54
C PHE B 371 13.37 21.73 -14.84
N CYS B 372 14.11 21.67 -15.96
CA CYS B 372 14.79 20.43 -16.31
C CYS B 372 15.95 20.14 -15.35
N ILE B 373 16.71 21.18 -14.99
CA ILE B 373 17.85 20.99 -14.09
C ILE B 373 17.36 20.54 -12.73
N ALA B 374 16.38 21.26 -12.19
CA ALA B 374 15.92 20.99 -10.84
C ALA B 374 15.30 19.60 -10.75
N HIS B 375 14.53 19.21 -11.76
CA HIS B 375 13.82 17.94 -11.67
C HIS B 375 14.71 16.76 -12.06
N SER B 376 15.70 16.97 -12.93
CA SER B 376 16.70 15.94 -13.10
C SER B 376 17.43 15.68 -11.78
N GLN B 377 17.72 16.74 -11.03
CA GLN B 377 18.39 16.56 -9.74
C GLN B 377 17.45 15.87 -8.75
N MET B 378 16.20 16.33 -8.69
CA MET B 378 15.25 15.78 -7.72
C MET B 378 15.05 14.29 -7.93
N TYR B 379 14.79 13.89 -9.18
CA TYR B 379 14.48 12.48 -9.41
C TYR B 379 15.70 11.59 -9.26
N SER B 380 16.91 12.15 -9.39
CA SER B 380 18.12 11.36 -9.21
C SER B 380 18.42 11.04 -7.74
N THR B 381 17.82 11.78 -6.81
CA THR B 381 18.14 11.66 -5.37
C THR B 381 18.19 10.20 -4.92
N ASN B 382 19.30 9.85 -4.25
CA ASN B 382 19.51 8.51 -3.68
C ASN B 382 19.28 7.44 -4.74
N ASN B 383 19.93 7.62 -5.88
CA ASN B 383 19.91 6.63 -6.96
C ASN B 383 18.51 6.38 -7.49
N GLY B 384 17.68 7.41 -7.45
CA GLY B 384 16.32 7.32 -7.96
C GLY B 384 15.35 6.59 -7.05
N GLU B 385 15.70 6.43 -5.77
CA GLU B 385 14.87 5.69 -4.82
C GLU B 385 14.05 6.60 -3.89
N GLU B 386 13.91 7.89 -4.21
CA GLU B 386 13.01 8.78 -3.48
C GLU B 386 11.82 9.13 -4.36
N TRP B 387 12.00 10.01 -5.35
CA TRP B 387 10.93 10.32 -6.28
C TRP B 387 11.06 9.42 -7.50
N MET B 388 9.93 8.98 -8.03
CA MET B 388 9.93 7.89 -8.99
C MET B 388 8.57 7.88 -9.65
N LEU B 389 8.29 6.83 -10.41
CA LEU B 389 7.05 6.68 -11.17
C LEU B 389 6.25 5.52 -10.62
N SER B 390 4.93 5.70 -10.54
CA SER B 390 4.04 4.62 -10.13
C SER B 390 3.06 4.34 -11.25
N GLN B 391 2.89 3.08 -11.58
CA GLN B 391 1.89 2.64 -12.55
C GLN B 391 0.92 1.71 -11.85
N VAL B 392 -0.38 1.96 -12.03
CA VAL B 392 -1.41 1.18 -11.37
C VAL B 392 -2.40 0.71 -12.43
N LEU B 393 -2.73 -0.58 -12.40
CA LEU B 393 -3.72 -1.16 -13.29
C LEU B 393 -4.97 -1.46 -12.47
N PHE B 394 -6.11 -0.93 -12.91
CA PHE B 394 -7.39 -1.07 -12.20
C PHE B 394 -8.39 -1.81 -13.06
N LYS B 395 -9.27 -2.57 -12.42
CA LYS B 395 -10.48 -3.04 -13.08
C LYS B 395 -11.68 -2.37 -12.44
N LYS B 396 -12.84 -2.46 -13.10
CA LYS B 396 -14.02 -1.82 -12.55
C LYS B 396 -14.53 -2.61 -11.34
N LYS B 397 -15.03 -1.89 -10.33
CA LYS B 397 -15.43 -2.56 -9.09
C LYS B 397 -16.95 -2.57 -8.95
N SAH C . -9.67 -13.47 18.12
CA SAH C . -9.42 -14.19 19.40
CB SAH C . -8.84 -15.57 19.09
CG SAH C . -7.53 -15.45 18.32
SD SAH C . -6.78 -17.05 17.87
C SAH C . -8.46 -13.39 20.28
O SAH C . -7.96 -12.33 19.71
OXT SAH C . -8.19 -13.78 21.43
C5' SAH C . -7.57 -17.48 16.30
C4' SAH C . -8.95 -18.06 16.55
O4' SAH C . -9.55 -18.42 15.28
C3' SAH C . -8.97 -19.32 17.41
O3' SAH C . -10.11 -19.28 18.26
C2' SAH C . -9.22 -20.44 16.39
O2' SAH C . -9.95 -21.49 17.02
C1' SAH C . -10.10 -19.71 15.38
N9 SAH C . -10.15 -20.29 14.05
C8 SAH C . -9.12 -20.56 13.20
N7 SAH C . -9.48 -21.08 12.05
C5 SAH C . -10.87 -21.13 12.15
C6 SAH C . -11.86 -21.57 11.26
N6 SAH C . -11.62 -22.06 10.05
N1 SAH C . -13.15 -21.48 11.67
C2 SAH C . -13.42 -20.98 12.88
N3 SAH C . -12.55 -20.55 13.81
C4 SAH C . -11.29 -20.65 13.37
C21 S9T D . 1.97 -21.10 18.90
O19 S9T D . 0.80 -21.72 18.49
C6 S9T D . -0.24 -20.88 18.09
C5 S9T D . -1.49 -21.42 17.83
O18 S9T D . -1.71 -22.80 17.99
C20 S9T D . -2.80 -23.13 18.79
C4 S9T D . -2.51 -20.60 17.42
C3 S9T D . -2.28 -19.20 17.27
C7 S9T D . -0.01 -19.53 17.93
C8 S9T D . -1.07 -18.68 17.51
C9 S9T D . -0.76 -17.16 17.38
C11 S9T D . -0.34 -16.66 18.74
C12 S9T D . 0.14 -15.19 18.69
N10 S9T D . -1.96 -16.36 16.92
C1 S9T D . -3.26 -16.93 17.31
C2 S9T D . -3.43 -18.37 16.84
C17 S9T D . 0.85 -14.75 17.58
C16 S9T D . 1.28 -13.43 17.50
C15 S9T D . 1.04 -12.57 18.56
O23 S9T D . 1.50 -11.24 18.50
C25 S9T D . 1.82 -10.84 17.18
C14 S9T D . 0.35 -13.00 19.69
C13 S9T D . -0.11 -14.33 19.77
O22 S9T D . 0.12 -12.10 20.74
C24 S9T D . -0.28 -12.72 21.94
O19 R9T E . 5.09 -28.29 16.46
O18 R9T E . 4.90 -29.25 19.01
O22 R9T E . 1.66 -20.34 14.49
O23 R9T E . -0.85 -20.19 13.62
N10 R9T E . 0.26 -24.77 18.12
C9 R9T E . 1.46 -24.96 17.29
C8 R9T E . 2.36 -26.13 17.81
C3 R9T E . 2.28 -26.59 19.04
C2 R9T E . 1.29 -26.04 20.03
C1 R9T E . 0.61 -24.75 19.56
C11 R9T E . 1.05 -25.13 15.84
C7 R9T E . 3.33 -26.70 16.90
C12 R9T E . 0.53 -23.81 15.26
C4 R9T E . 3.13 -27.66 19.49
C6 R9T E . 4.15 -27.72 17.33
C5 R9T E . 4.05 -28.21 18.61
C13 R9T E . 1.36 -22.68 15.16
C17 R9T E . -0.78 -23.71 14.80
C14 R9T E . 0.87 -21.51 14.62
C16 R9T E . -1.27 -22.53 14.24
C15 R9T E . -0.43 -21.43 14.15
C21 R9T E . 5.04 -27.85 15.13
C20 R9T E . 5.16 -29.37 20.38
C24 R9T E . 2.94 -20.43 15.04
C25 R9T E . -1.84 -20.25 12.64
N SAH F . -0.68 11.88 -21.50
CA SAH F . 0.09 12.74 -22.43
CB SAH F . -0.04 14.21 -22.00
CG SAH F . 0.33 14.33 -20.53
SD SAH F . 0.34 16.03 -19.89
C SAH F . 1.56 12.32 -22.44
O SAH F . 2.33 12.94 -23.31
OXT SAH F . 1.94 11.46 -21.68
C5' SAH F . -1.30 16.20 -19.15
C4' SAH F . -2.34 16.44 -20.22
O4' SAH F . -3.66 16.49 -19.65
C3' SAH F . -2.15 17.74 -21.02
O3' SAH F . -2.29 17.44 -22.39
C2' SAH F . -3.34 18.61 -20.60
O2' SAH F . -3.81 19.34 -21.74
C1' SAH F . -4.38 17.55 -20.24
N9 SAH F . -5.40 18.00 -19.31
C8 SAH F . -5.22 18.51 -18.05
N7 SAH F . -6.35 18.79 -17.42
C5 SAH F . -7.33 18.41 -18.33
C6 SAH F . -8.74 18.45 -18.28
N6 SAH F . -9.43 18.89 -17.23
N1 SAH F . -9.41 17.98 -19.35
C2 SAH F . -8.72 17.53 -20.41
N3 SAH F . -7.41 17.46 -20.56
C4 SAH F . -6.77 17.91 -19.49
C21 S9T G . 6.55 22.63 -16.18
O19 S9T G . 5.28 22.85 -16.73
C6 S9T G . 4.49 21.72 -16.86
C5 S9T G . 3.25 21.82 -17.44
O18 S9T G . 2.81 23.08 -17.90
C20 S9T G . 1.79 22.99 -18.87
C4 S9T G . 2.44 20.71 -17.56
C3 S9T G . 2.92 19.45 -17.08
C7 S9T G . 4.96 20.50 -16.39
C8 S9T G . 4.12 19.35 -16.53
C9 S9T G . 4.70 18.02 -16.00
C11 S9T G . 5.98 17.81 -16.74
C12 S9T G . 6.68 16.51 -16.31
N10 S9T G . 3.79 16.82 -16.23
C1 S9T G . 2.81 16.98 -17.31
C2 S9T G . 2.03 18.27 -17.24
C17 S9T G . 6.66 16.17 -14.97
C16 S9T G . 7.28 15.00 -14.55
C15 S9T G . 7.93 14.19 -15.48
O23 S9T G . 8.56 13.01 -15.06
C25 S9T G . 8.24 12.65 -13.74
C14 S9T G . 7.97 14.54 -16.82
C13 S9T G . 7.33 15.72 -17.24
O22 S9T G . 8.63 13.70 -17.72
C24 S9T G . 8.85 14.22 -19.00
O19 R9T H . 5.74 30.09 -13.20
O18 R9T H . 6.76 31.14 -15.45
O22 R9T H . 3.99 21.40 -12.76
O23 R9T H . 1.64 20.45 -13.66
N10 R9T H . 3.85 25.54 -16.99
C9 R9T H . 4.26 25.95 -15.62
C8 R9T H . 4.93 27.37 -15.62
C3 R9T H . 5.44 27.90 -16.71
C2 R9T H . 5.39 27.21 -18.04
C1 R9T H . 4.94 25.76 -17.96
C11 R9T H . 3.06 25.90 -14.71
C7 R9T H . 5.02 28.09 -14.37
C12 R9T H . 2.68 24.44 -14.44
C4 R9T H . 6.07 29.18 -16.68
C6 R9T H . 5.63 29.33 -14.36
C5 R9T H . 6.14 29.88 -15.50
C13 R9T H . 3.54 23.61 -13.72
C17 R9T H . 1.46 23.94 -14.90
C14 R9T H . 3.17 22.29 -13.47
C16 R9T H . 1.09 22.62 -14.65
C15 R9T H . 1.95 21.80 -13.93
C21 R9T H . 5.07 29.55 -12.08
C20 R9T H . 7.64 31.44 -16.49
C24 R9T H . 5.28 21.85 -12.43
C25 R9T H . 0.27 20.16 -13.62
#